data_5TBD
#
_entry.id   5TBD
#
_cell.length_a   41.975
_cell.length_b   72.970
_cell.length_c   81.965
_cell.angle_alpha   68.19
_cell.angle_beta   78.75
_cell.angle_gamma   73.83
#
_symmetry.space_group_name_H-M   'P 1'
#
loop_
_entity.id
_entity.type
_entity.pdbx_description
1 polymer 'Fv fragment (mAb4D1) heavy chain'
2 polymer 'Fv fragment (mAb4D1) heavy chain'
3 polymer 'Merozoite surface protein 2'
4 water water
#
loop_
_entity_poly.entity_id
_entity_poly.type
_entity_poly.pdbx_seq_one_letter_code
_entity_poly.pdbx_strand_id
1 'polypeptide(L)'
;QVRLQQSGAELVKPGASVKLSCTASGFNIKDDYMHWVKQRPEQGLEWIGRIDPANGNTQYAPKFQDKATITADTSSNTAY
LQLTSLTSEDTAVYYCARGGLLRWGQGTSVTVSS
;
E,A,D,J
2 'polypeptide(L)'
;DVVMTQTPLTLSVTIGQPASISCKSSQSLLHSNGKTYLNWLLQRPGQSPKRLIYLVSKLDSGVPDRFTGSGSGTDFTLKI
SSVEAEDLGVYYCWQGTHFPITFGSGTKLEIK
;
F,B,G,K
3 'polypeptide(L)' (ACE)NKENCGAA(NH2) I,C,H,L
#
# COMPACT_ATOMS: atom_id res chain seq x y z
N GLN A 1 6.22 19.98 -32.00
CA GLN A 1 4.86 19.47 -31.92
C GLN A 1 4.83 17.96 -31.72
N VAL A 2 3.98 17.50 -30.81
CA VAL A 2 3.83 16.07 -30.54
C VAL A 2 3.08 15.38 -31.67
N ARG A 3 3.69 14.33 -32.21
CA ARG A 3 3.07 13.59 -33.30
C ARG A 3 3.05 12.08 -33.01
N LEU A 4 1.95 11.45 -33.37
CA LEU A 4 1.84 10.00 -33.30
C LEU A 4 1.63 9.44 -34.69
N GLN A 5 2.71 8.98 -35.31
CA GLN A 5 2.71 8.57 -36.71
C GLN A 5 2.51 7.07 -36.85
N GLN A 6 1.37 6.67 -37.41
CA GLN A 6 1.06 5.26 -37.55
C GLN A 6 1.34 4.77 -38.96
N SER A 7 1.65 3.48 -39.08
CA SER A 7 1.97 2.87 -40.37
C SER A 7 0.78 2.91 -41.32
N GLY A 8 1.05 2.67 -42.59
CA GLY A 8 0.05 2.80 -43.64
C GLY A 8 -1.03 1.74 -43.60
N ALA A 9 -2.09 1.97 -44.37
CA ALA A 9 -3.23 1.07 -44.42
C ALA A 9 -2.83 -0.34 -44.85
N GLU A 10 -3.48 -1.32 -44.24
CA GLU A 10 -3.22 -2.72 -44.55
C GLU A 10 -4.44 -3.37 -45.19
N LEU A 11 -4.24 -3.99 -46.35
CA LEU A 11 -5.28 -4.74 -47.02
C LEU A 11 -4.86 -6.21 -47.06
N VAL A 12 -5.51 -7.04 -46.26
CA VAL A 12 -5.04 -8.41 -46.05
C VAL A 12 -6.14 -9.46 -46.17
N LYS A 13 -5.74 -10.71 -46.35
CA LYS A 13 -6.65 -11.82 -46.53
C LYS A 13 -7.07 -12.41 -45.17
N PRO A 14 -8.29 -12.95 -45.09
CA PRO A 14 -8.80 -13.58 -43.87
C PRO A 14 -7.93 -14.74 -43.40
N GLY A 15 -7.41 -14.63 -42.17
CA GLY A 15 -6.56 -15.67 -41.61
C GLY A 15 -5.12 -15.23 -41.43
N ALA A 16 -4.74 -14.16 -42.10
CA ALA A 16 -3.38 -13.62 -41.99
C ALA A 16 -3.14 -12.96 -40.63
N SER A 17 -2.03 -12.24 -40.50
CA SER A 17 -1.74 -11.50 -39.27
C SER A 17 -0.93 -10.25 -39.56
N VAL A 18 -1.47 -9.09 -39.21
CA VAL A 18 -0.79 -7.82 -39.44
C VAL A 18 -0.09 -7.31 -38.20
N LYS A 19 0.91 -6.46 -38.39
CA LYS A 19 1.58 -5.81 -37.27
C LYS A 19 1.68 -4.31 -37.51
N LEU A 20 0.90 -3.55 -36.74
CA LEU A 20 0.83 -2.11 -36.90
C LEU A 20 1.87 -1.43 -36.00
N SER A 21 2.37 -0.28 -36.45
CA SER A 21 3.36 0.45 -35.68
C SER A 21 2.94 1.89 -35.45
N CYS A 22 3.42 2.47 -34.36
CA CYS A 22 3.08 3.82 -33.97
C CYS A 22 4.34 4.53 -33.48
N THR A 23 4.88 5.41 -34.32
CA THR A 23 6.12 6.10 -33.99
C THR A 23 5.83 7.47 -33.39
N ALA A 24 6.27 7.66 -32.15
CA ALA A 24 5.98 8.88 -31.43
C ALA A 24 7.05 9.94 -31.64
N SER A 25 6.62 11.19 -31.75
CA SER A 25 7.53 12.31 -31.92
C SER A 25 7.15 13.44 -30.97
N GLY A 26 8.14 14.01 -30.31
CA GLY A 26 7.90 15.14 -29.41
C GLY A 26 7.79 14.75 -27.95
N PHE A 27 7.90 13.46 -27.66
CA PHE A 27 7.90 12.97 -26.29
C PHE A 27 8.43 11.54 -26.24
N ASN A 28 8.80 11.10 -25.05
CA ASN A 28 9.29 9.73 -24.86
C ASN A 28 8.18 8.81 -24.40
N ILE A 29 7.93 7.74 -25.16
CA ILE A 29 6.83 6.83 -24.86
C ILE A 29 6.96 6.15 -23.49
N LYS A 30 8.19 6.04 -22.99
CA LYS A 30 8.41 5.39 -21.71
C LYS A 30 7.91 6.26 -20.56
N ASP A 31 7.74 7.56 -20.82
CA ASP A 31 7.18 8.48 -19.84
C ASP A 31 5.66 8.41 -19.79
N ASP A 32 5.07 7.69 -20.74
CA ASP A 32 3.62 7.58 -20.85
C ASP A 32 3.17 6.13 -20.85
N TYR A 33 1.85 5.95 -20.84
CA TYR A 33 1.25 4.68 -21.20
C TYR A 33 0.82 4.77 -22.65
N MET A 34 1.18 3.77 -23.46
CA MET A 34 0.73 3.74 -24.84
C MET A 34 -0.53 2.89 -24.96
N HIS A 35 -1.58 3.47 -25.53
CA HIS A 35 -2.84 2.77 -25.69
C HIS A 35 -3.11 2.42 -27.15
N TRP A 36 -3.94 1.40 -27.35
CA TRP A 36 -4.45 1.10 -28.68
C TRP A 36 -5.97 1.01 -28.64
N VAL A 37 -6.62 1.63 -29.62
CA VAL A 37 -8.08 1.67 -29.66
C VAL A 37 -8.57 1.26 -31.04
N LYS A 38 -9.59 0.41 -31.08
CA LYS A 38 -10.21 0.00 -32.34
C LYS A 38 -11.50 0.77 -32.58
N GLN A 39 -11.74 1.17 -33.83
CA GLN A 39 -12.99 1.84 -34.18
C GLN A 39 -13.67 1.23 -35.40
N ARG A 40 -14.96 0.94 -35.26
CA ARG A 40 -15.78 0.49 -36.37
C ARG A 40 -16.93 1.49 -36.55
N PRO A 41 -17.36 1.70 -37.80
CA PRO A 41 -18.37 2.72 -38.12
C PRO A 41 -19.69 2.57 -37.35
N GLU A 42 -20.02 1.35 -36.95
CA GLU A 42 -21.29 1.10 -36.28
C GLU A 42 -21.10 0.77 -34.79
N GLN A 43 -20.15 -0.11 -34.49
CA GLN A 43 -19.95 -0.56 -33.12
C GLN A 43 -19.24 0.47 -32.25
N GLY A 44 -18.54 1.40 -32.89
CA GLY A 44 -17.91 2.50 -32.18
C GLY A 44 -16.48 2.24 -31.72
N LEU A 45 -16.10 2.87 -30.61
CA LEU A 45 -14.74 2.76 -30.09
C LEU A 45 -14.62 1.63 -29.07
N GLU A 46 -13.53 0.88 -29.17
CA GLU A 46 -13.26 -0.20 -28.23
C GLU A 46 -11.80 -0.19 -27.80
N TRP A 47 -11.57 -0.03 -26.50
CA TRP A 47 -10.21 -0.04 -25.95
C TRP A 47 -9.60 -1.44 -26.11
N ILE A 48 -8.48 -1.51 -26.81
CA ILE A 48 -7.80 -2.78 -27.02
C ILE A 48 -6.92 -3.11 -25.83
N GLY A 49 -6.09 -2.16 -25.44
CA GLY A 49 -5.18 -2.37 -24.32
C GLY A 49 -4.19 -1.25 -24.14
N ARG A 50 -3.20 -1.50 -23.30
CA ARG A 50 -2.25 -0.48 -22.89
C ARG A 50 -0.89 -1.10 -22.57
N ILE A 51 0.19 -0.40 -22.89
CA ILE A 51 1.53 -0.90 -22.56
C ILE A 51 2.38 0.17 -21.86
N ASP A 52 3.19 -0.27 -20.91
CA ASP A 52 4.18 0.58 -20.26
C ASP A 52 5.54 0.30 -20.88
N PRO A 53 6.00 1.19 -21.78
CA PRO A 53 7.26 0.98 -22.51
C PRO A 53 8.48 0.97 -21.59
N ALA A 54 8.31 1.47 -20.36
CA ALA A 54 9.40 1.53 -19.39
C ALA A 54 9.76 0.13 -18.88
N ASN A 55 8.80 -0.79 -18.89
CA ASN A 55 9.04 -2.13 -18.35
C ASN A 55 8.46 -3.24 -19.22
N GLY A 56 7.49 -2.89 -20.06
CA GLY A 56 6.89 -3.85 -20.97
C GLY A 56 5.57 -4.43 -20.48
N ASN A 57 5.11 -3.96 -19.32
CA ASN A 57 3.85 -4.42 -18.75
C ASN A 57 2.66 -4.06 -19.64
N THR A 58 1.79 -5.03 -19.89
CA THR A 58 0.63 -4.82 -20.73
C THR A 58 -0.67 -5.15 -20.01
N GLN A 59 -1.73 -4.42 -20.34
CA GLN A 59 -3.07 -4.73 -19.88
C GLN A 59 -4.03 -4.75 -21.06
N TYR A 60 -4.82 -5.80 -21.17
CA TYR A 60 -5.75 -5.94 -22.29
C TYR A 60 -7.19 -6.00 -21.84
N ALA A 61 -8.09 -5.42 -22.64
CA ALA A 61 -9.50 -5.66 -22.47
C ALA A 61 -9.75 -7.12 -22.83
N PRO A 62 -10.47 -7.85 -21.98
CA PRO A 62 -10.70 -9.30 -22.10
C PRO A 62 -11.10 -9.74 -23.51
N LYS A 63 -11.77 -8.86 -24.25
CA LYS A 63 -12.18 -9.14 -25.61
C LYS A 63 -10.98 -9.31 -26.56
N PHE A 64 -9.82 -8.78 -26.16
CA PHE A 64 -8.64 -8.79 -27.03
C PHE A 64 -7.41 -9.47 -26.42
N GLN A 65 -7.55 -10.08 -25.25
CA GLN A 65 -6.44 -10.82 -24.64
C GLN A 65 -5.91 -11.90 -25.54
N ASP A 66 -6.81 -12.38 -26.38
CA ASP A 66 -6.50 -13.46 -27.31
C ASP A 66 -5.85 -12.95 -28.60
N LYS A 67 -6.48 -11.91 -29.13
CA LYS A 67 -6.34 -11.44 -30.50
C LYS A 67 -5.16 -10.52 -30.71
N ALA A 68 -4.98 -9.56 -29.82
CA ALA A 68 -3.99 -8.48 -29.98
C ALA A 68 -2.78 -8.75 -29.11
N THR A 69 -1.62 -8.29 -29.58
CA THR A 69 -0.40 -8.32 -28.80
C THR A 69 0.25 -6.96 -28.92
N ILE A 70 0.41 -6.28 -27.79
CA ILE A 70 0.98 -4.93 -27.79
C ILE A 70 2.42 -4.95 -27.29
N THR A 71 3.32 -4.45 -28.12
CA THR A 71 4.73 -4.36 -27.77
C THR A 71 5.25 -2.94 -27.96
N ALA A 72 6.43 -2.63 -27.41
CA ALA A 72 7.02 -1.30 -27.58
C ALA A 72 8.54 -1.38 -27.65
N ASP A 73 9.14 -0.42 -28.34
CA ASP A 73 10.59 -0.31 -28.46
C ASP A 73 11.03 1.12 -28.20
N THR A 74 11.61 1.35 -27.03
CA THR A 74 12.00 2.69 -26.60
C THR A 74 13.13 3.28 -27.46
N SER A 75 13.98 2.42 -27.99
CA SER A 75 15.10 2.86 -28.83
C SER A 75 14.61 3.61 -30.07
N SER A 76 13.56 3.11 -30.69
CA SER A 76 12.97 3.76 -31.85
C SER A 76 11.75 4.59 -31.47
N ASN A 77 11.46 4.64 -30.17
CA ASN A 77 10.31 5.39 -29.64
C ASN A 77 9.01 4.99 -30.33
N THR A 78 8.86 3.69 -30.54
CA THR A 78 7.74 3.16 -31.32
C THR A 78 6.97 2.11 -30.54
N ALA A 79 5.64 2.17 -30.61
CA ALA A 79 4.79 1.12 -30.05
C ALA A 79 4.21 0.29 -31.18
N TYR A 80 3.85 -0.96 -30.89
CA TYR A 80 3.37 -1.87 -31.92
C TYR A 80 2.08 -2.56 -31.52
N LEU A 81 1.24 -2.88 -32.51
CA LEU A 81 0.05 -3.69 -32.29
C LEU A 81 0.01 -4.87 -33.25
N GLN A 82 0.08 -6.08 -32.70
CA GLN A 82 0.04 -7.29 -33.52
C GLN A 82 -1.33 -7.96 -33.40
N LEU A 83 -1.94 -8.28 -34.54
CA LEU A 83 -3.26 -8.89 -34.56
C LEU A 83 -3.23 -10.26 -35.27
N THR A 84 -3.77 -11.27 -34.61
CA THR A 84 -3.75 -12.62 -35.15
C THR A 84 -5.10 -13.03 -35.76
N SER A 85 -5.07 -14.00 -36.66
CA SER A 85 -6.28 -14.62 -37.20
C SER A 85 -7.36 -13.62 -37.61
N LEU A 86 -7.02 -12.66 -38.45
CA LEU A 86 -7.97 -11.60 -38.80
C LEU A 86 -9.19 -12.12 -39.53
N THR A 87 -10.36 -11.69 -39.06
CA THR A 87 -11.63 -12.06 -39.68
C THR A 87 -12.29 -10.80 -40.26
N SER A 88 -13.48 -10.95 -40.82
CA SER A 88 -14.17 -9.84 -41.44
C SER A 88 -14.46 -8.70 -40.45
N GLU A 89 -14.59 -9.03 -39.17
CA GLU A 89 -14.92 -8.04 -38.12
C GLU A 89 -13.71 -7.19 -37.76
N ASP A 90 -12.53 -7.76 -37.98
CA ASP A 90 -11.29 -7.09 -37.62
C ASP A 90 -11.05 -5.90 -38.53
N THR A 91 -11.84 -5.81 -39.59
CA THR A 91 -11.83 -4.63 -40.46
C THR A 91 -12.22 -3.40 -39.65
N ALA A 92 -11.24 -2.53 -39.43
CA ALA A 92 -11.45 -1.36 -38.59
C ALA A 92 -10.30 -0.38 -38.70
N VAL A 93 -10.49 0.83 -38.17
CA VAL A 93 -9.41 1.79 -38.04
C VAL A 93 -8.80 1.64 -36.65
N TYR A 94 -7.49 1.39 -36.60
CA TYR A 94 -6.82 1.16 -35.33
C TYR A 94 -5.97 2.36 -34.92
N TYR A 95 -6.29 2.92 -33.75
CA TYR A 95 -5.60 4.09 -33.24
C TYR A 95 -4.59 3.75 -32.16
N CYS A 96 -3.48 4.47 -32.15
CA CYS A 96 -2.59 4.50 -31.00
C CYS A 96 -2.76 5.85 -30.33
N ALA A 97 -2.47 5.93 -29.04
CA ALA A 97 -2.66 7.15 -28.29
C ALA A 97 -1.76 7.17 -27.07
N ARG A 98 -1.33 8.37 -26.68
CA ARG A 98 -0.47 8.48 -25.50
C ARG A 98 -1.29 8.38 -24.22
N GLY A 99 -0.69 8.72 -23.09
CA GLY A 99 -1.32 8.57 -21.79
C GLY A 99 -2.66 9.27 -21.65
N GLY A 100 -3.65 8.53 -21.15
CA GLY A 100 -4.98 9.06 -20.93
C GLY A 100 -5.71 9.47 -22.19
N LEU A 101 -5.29 8.87 -23.31
CA LEU A 101 -5.88 9.16 -24.62
C LEU A 101 -5.86 10.66 -24.93
N LEU A 102 -4.81 11.34 -24.45
CA LEU A 102 -4.64 12.77 -24.65
C LEU A 102 -4.51 13.14 -26.13
N ARG A 103 -3.60 12.47 -26.82
CA ARG A 103 -3.42 12.69 -28.25
C ARG A 103 -3.45 11.35 -28.99
N TRP A 104 -3.97 11.36 -30.21
CA TRP A 104 -4.15 10.15 -30.99
C TRP A 104 -3.39 10.22 -32.30
N GLY A 105 -3.08 9.06 -32.86
CA GLY A 105 -2.47 8.99 -34.17
C GLY A 105 -3.53 9.11 -35.24
N GLN A 106 -3.11 9.18 -36.50
CA GLN A 106 -4.05 9.35 -37.60
C GLN A 106 -4.84 8.07 -37.84
N GLY A 107 -4.40 6.98 -37.22
CA GLY A 107 -5.07 5.70 -37.32
C GLY A 107 -4.63 4.91 -38.53
N THR A 108 -4.62 3.59 -38.40
CA THR A 108 -4.25 2.70 -39.50
C THR A 108 -5.46 1.87 -39.92
N SER A 109 -5.88 2.02 -41.17
CA SER A 109 -7.08 1.36 -41.64
C SER A 109 -6.79 -0.06 -42.13
N VAL A 110 -7.31 -1.05 -41.42
CA VAL A 110 -7.14 -2.43 -41.81
C VAL A 110 -8.40 -2.96 -42.49
N THR A 111 -8.21 -3.58 -43.65
CA THR A 111 -9.31 -4.20 -44.37
C THR A 111 -9.04 -5.68 -44.61
N VAL A 112 -9.92 -6.53 -44.07
CA VAL A 112 -9.79 -7.96 -44.25
C VAL A 112 -10.68 -8.43 -45.41
N SER A 113 -10.04 -8.71 -46.56
CA SER A 113 -10.76 -9.07 -47.77
C SER A 113 -11.06 -10.57 -47.83
N ASP B 1 -18.41 -4.95 -17.09
CA ASP B 1 -17.63 -3.74 -17.35
C ASP B 1 -18.52 -2.49 -17.24
N VAL B 2 -17.91 -1.34 -17.02
CA VAL B 2 -18.64 -0.08 -16.91
C VAL B 2 -19.28 0.27 -18.24
N VAL B 3 -20.60 0.37 -18.25
CA VAL B 3 -21.33 0.73 -19.46
C VAL B 3 -21.61 2.24 -19.49
N MET B 4 -21.13 2.90 -20.54
CA MET B 4 -21.31 4.34 -20.69
C MET B 4 -22.45 4.66 -21.65
N THR B 5 -23.51 5.27 -21.15
CA THR B 5 -24.66 5.59 -21.98
CA THR B 5 -24.69 5.59 -21.96
C THR B 5 -24.78 7.09 -22.26
N GLN B 6 -24.73 7.43 -23.55
CA GLN B 6 -24.82 8.82 -23.97
C GLN B 6 -26.18 9.14 -24.57
N THR B 7 -26.74 10.29 -24.18
CA THR B 7 -27.97 10.81 -24.78
C THR B 7 -27.82 12.32 -25.01
N PRO B 8 -28.29 12.80 -26.17
CA PRO B 8 -28.86 12.01 -27.27
C PRO B 8 -27.77 11.35 -28.09
N LEU B 9 -28.16 10.56 -29.10
CA LEU B 9 -27.21 9.88 -29.97
C LEU B 9 -26.83 10.77 -31.14
N THR B 10 -27.81 11.52 -31.64
CA THR B 10 -27.58 12.47 -32.72
C THR B 10 -28.13 13.84 -32.32
N LEU B 11 -27.45 14.89 -32.76
CA LEU B 11 -27.86 16.25 -32.40
C LEU B 11 -27.71 17.19 -33.60
N SER B 12 -28.82 17.45 -34.26
CA SER B 12 -28.82 18.38 -35.39
C SER B 12 -29.24 19.76 -34.92
N VAL B 13 -28.35 20.73 -35.02
CA VAL B 13 -28.60 22.05 -34.45
C VAL B 13 -28.18 23.19 -35.39
N THR B 14 -28.66 24.40 -35.10
CA THR B 14 -28.32 25.59 -35.85
C THR B 14 -27.05 26.22 -35.32
N ILE B 15 -26.23 26.76 -36.22
CA ILE B 15 -25.01 27.47 -35.83
C ILE B 15 -25.31 28.57 -34.83
N GLY B 16 -24.60 28.54 -33.70
CA GLY B 16 -24.78 29.55 -32.67
C GLY B 16 -25.61 29.09 -31.49
N GLN B 17 -26.42 28.06 -31.72
CA GLN B 17 -27.29 27.51 -30.66
C GLN B 17 -26.47 26.72 -29.65
N PRO B 18 -26.93 26.69 -28.39
CA PRO B 18 -26.26 25.87 -27.37
C PRO B 18 -26.55 24.38 -27.55
N ALA B 19 -25.74 23.54 -26.93
CA ALA B 19 -25.93 22.11 -26.98
C ALA B 19 -25.59 21.46 -25.65
N SER B 20 -26.23 20.33 -25.36
CA SER B 20 -26.02 19.62 -24.11
C SER B 20 -26.04 18.11 -24.35
N ILE B 21 -25.00 17.42 -23.89
CA ILE B 21 -24.89 15.98 -24.06
C ILE B 21 -24.77 15.26 -22.72
N SER B 22 -25.60 14.24 -22.52
CA SER B 22 -25.61 13.49 -21.27
C SER B 22 -24.70 12.26 -21.36
N CYS B 23 -24.06 11.93 -20.24
CA CYS B 23 -23.25 10.72 -20.16
C CYS B 23 -23.47 10.02 -18.82
N LYS B 24 -24.04 8.81 -18.88
CA LYS B 24 -24.37 8.05 -17.68
C LYS B 24 -23.55 6.75 -17.62
N SER B 25 -22.99 6.46 -16.45
CA SER B 25 -22.22 5.24 -16.27
C SER B 25 -22.97 4.25 -15.38
N SER B 26 -22.68 2.97 -15.58
CA SER B 26 -23.35 1.92 -14.81
C SER B 26 -22.91 1.91 -13.35
N GLN B 27 -21.69 2.36 -13.08
CA GLN B 27 -21.21 2.47 -11.70
C GLN B 27 -20.44 3.76 -11.48
N SER B 28 -20.22 4.10 -10.20
CA SER B 28 -19.57 5.36 -9.84
C SER B 28 -18.16 5.48 -10.40
N LEU B 29 -17.85 6.64 -10.96
CA LEU B 29 -16.54 6.88 -11.56
C LEU B 29 -15.64 7.64 -10.59
N LEU B 30 -16.14 7.91 -9.39
CA LEU B 30 -15.29 8.41 -8.32
C LEU B 30 -14.37 7.30 -7.84
N HIS B 31 -13.09 7.42 -8.19
CA HIS B 31 -12.07 6.45 -7.80
C HIS B 31 -11.80 6.51 -6.30
N SER B 32 -11.27 5.44 -5.75
CA SER B 32 -10.90 5.41 -4.35
C SER B 32 -9.81 6.43 -4.02
N ASN B 33 -9.00 6.80 -5.01
CA ASN B 33 -7.94 7.78 -4.78
C ASN B 33 -8.49 9.19 -4.61
N GLY B 34 -9.77 9.37 -4.92
CA GLY B 34 -10.45 10.63 -4.68
C GLY B 34 -10.70 11.47 -5.92
N LYS B 35 -10.31 10.96 -7.08
CA LYS B 35 -10.52 11.68 -8.33
C LYS B 35 -11.48 10.95 -9.26
N THR B 36 -12.23 11.69 -10.07
CA THR B 36 -13.18 11.09 -11.00
C THR B 36 -12.66 11.15 -12.44
N TYR B 37 -12.28 9.99 -12.97
CA TYR B 37 -11.66 9.91 -14.29
C TYR B 37 -12.67 9.80 -15.43
N LEU B 38 -13.51 10.81 -15.58
CA LEU B 38 -14.41 10.88 -16.72
C LEU B 38 -13.91 11.91 -17.73
N ASN B 39 -13.84 11.50 -18.99
CA ASN B 39 -13.26 12.33 -20.02
C ASN B 39 -14.20 12.52 -21.22
N TRP B 40 -13.91 13.50 -22.05
CA TRP B 40 -14.68 13.73 -23.26
C TRP B 40 -13.76 13.81 -24.49
N LEU B 41 -14.14 13.11 -25.55
CA LEU B 41 -13.40 13.17 -26.81
C LEU B 41 -14.22 13.89 -27.87
N LEU B 42 -13.54 14.55 -28.78
CA LEU B 42 -14.18 15.04 -30.00
C LEU B 42 -13.49 14.41 -31.21
N GLN B 43 -14.28 13.87 -32.13
CA GLN B 43 -13.74 13.36 -33.38
C GLN B 43 -14.43 14.05 -34.55
N ARG B 44 -13.76 15.05 -35.12
CA ARG B 44 -14.27 15.72 -36.30
C ARG B 44 -14.36 14.75 -37.48
N PRO B 45 -15.27 15.02 -38.44
CA PRO B 45 -15.43 14.15 -39.61
C PRO B 45 -14.14 13.97 -40.40
N GLY B 46 -13.71 12.72 -40.55
CA GLY B 46 -12.49 12.40 -41.26
C GLY B 46 -11.26 12.50 -40.38
N GLN B 47 -11.44 13.06 -39.18
CA GLN B 47 -10.33 13.26 -38.27
C GLN B 47 -10.22 12.15 -37.24
N SER B 48 -9.09 12.13 -36.53
CA SER B 48 -8.92 11.22 -35.41
C SER B 48 -9.47 11.86 -34.15
N PRO B 49 -9.89 11.03 -33.17
CA PRO B 49 -10.42 11.58 -31.90
C PRO B 49 -9.39 12.44 -31.18
N LYS B 50 -9.86 13.34 -30.33
CA LYS B 50 -8.97 14.16 -29.50
C LYS B 50 -9.64 14.47 -28.17
N ARG B 51 -8.88 14.46 -27.08
CA ARG B 51 -9.46 14.69 -25.76
C ARG B 51 -9.80 16.16 -25.57
N LEU B 52 -11.01 16.42 -25.10
CA LEU B 52 -11.45 17.78 -24.81
C LEU B 52 -11.46 18.06 -23.32
N ILE B 53 -12.06 17.14 -22.57
CA ILE B 53 -12.25 17.30 -21.14
C ILE B 53 -11.68 16.10 -20.38
N TYR B 54 -11.03 16.37 -19.25
CA TYR B 54 -10.60 15.31 -18.34
C TYR B 54 -10.90 15.71 -16.91
N LEU B 55 -10.99 14.72 -16.02
CA LEU B 55 -11.33 14.95 -14.61
C LEU B 55 -12.63 15.76 -14.48
N VAL B 56 -13.64 15.30 -15.22
CA VAL B 56 -14.98 15.90 -15.24
C VAL B 56 -15.06 17.31 -15.85
N SER B 57 -14.19 18.22 -15.41
CA SER B 57 -14.35 19.63 -15.75
C SER B 57 -13.13 20.32 -16.35
N LYS B 58 -11.97 19.66 -16.34
CA LYS B 58 -10.75 20.28 -16.86
C LYS B 58 -10.69 20.30 -18.38
N LEU B 59 -10.38 21.46 -18.95
CA LEU B 59 -10.24 21.61 -20.39
C LEU B 59 -8.81 21.35 -20.82
N ASP B 60 -8.63 20.53 -21.85
CA ASP B 60 -7.31 20.31 -22.44
C ASP B 60 -6.85 21.56 -23.17
N SER B 61 -5.55 21.62 -23.44
CA SER B 61 -4.95 22.78 -24.10
C SER B 61 -5.56 23.02 -25.47
N GLY B 62 -5.93 24.27 -25.74
CA GLY B 62 -6.48 24.65 -27.03
C GLY B 62 -8.00 24.59 -27.10
N VAL B 63 -8.61 23.86 -26.17
CA VAL B 63 -10.06 23.73 -26.13
C VAL B 63 -10.73 25.03 -25.67
N PRO B 64 -11.63 25.58 -26.50
CA PRO B 64 -12.37 26.81 -26.20
C PRO B 64 -13.21 26.67 -24.93
N ASP B 65 -13.38 27.74 -24.17
CA ASP B 65 -14.13 27.66 -22.93
C ASP B 65 -15.65 27.73 -23.15
N ARG B 66 -16.05 27.71 -24.42
CA ARG B 66 -17.45 27.49 -24.78
C ARG B 66 -17.88 26.11 -24.28
N PHE B 67 -16.90 25.23 -24.10
CA PHE B 67 -17.14 23.90 -23.55
C PHE B 67 -17.04 23.92 -22.04
N THR B 68 -17.99 23.27 -21.38
CA THR B 68 -17.94 23.12 -19.93
C THR B 68 -18.35 21.70 -19.53
N GLY B 69 -17.49 21.03 -18.77
CA GLY B 69 -17.80 19.71 -18.25
C GLY B 69 -18.29 19.78 -16.81
N SER B 70 -19.28 18.96 -16.49
CA SER B 70 -19.81 18.93 -15.13
C SER B 70 -20.35 17.55 -14.76
N GLY B 71 -20.77 17.41 -13.51
CA GLY B 71 -21.38 16.18 -13.03
C GLY B 71 -20.60 15.53 -11.91
N SER B 72 -21.11 14.39 -11.44
CA SER B 72 -20.45 13.62 -10.39
C SER B 72 -21.01 12.20 -10.35
N GLY B 73 -20.22 11.28 -9.79
CA GLY B 73 -20.67 9.91 -9.58
C GLY B 73 -20.92 9.13 -10.85
N THR B 74 -22.16 9.15 -11.32
CA THR B 74 -22.56 8.39 -12.50
C THR B 74 -23.22 9.26 -13.55
N ASP B 75 -23.49 10.53 -13.20
CA ASP B 75 -24.23 11.42 -14.09
C ASP B 75 -23.39 12.63 -14.48
N PHE B 76 -23.07 12.72 -15.77
CA PHE B 76 -22.18 13.77 -16.27
C PHE B 76 -22.77 14.48 -17.49
N THR B 77 -22.38 15.74 -17.67
N THR B 77 -22.38 15.74 -17.70
CA THR B 77 -22.89 16.56 -18.77
CA THR B 77 -22.92 16.51 -18.80
C THR B 77 -21.78 17.30 -19.50
C THR B 77 -21.85 17.36 -19.49
N LEU B 78 -21.90 17.39 -20.82
CA LEU B 78 -21.06 18.27 -21.60
C LEU B 78 -21.95 19.33 -22.24
N LYS B 79 -21.63 20.60 -22.01
CA LYS B 79 -22.43 21.68 -22.57
C LYS B 79 -21.58 22.55 -23.47
N ILE B 80 -22.18 22.97 -24.58
CA ILE B 80 -21.56 23.91 -25.50
C ILE B 80 -22.40 25.18 -25.51
N SER B 81 -21.80 26.29 -25.10
CA SER B 81 -22.54 27.56 -25.01
C SER B 81 -23.02 28.04 -26.37
N SER B 82 -22.23 27.76 -27.40
CA SER B 82 -22.57 28.15 -28.75
C SER B 82 -21.84 27.27 -29.76
N VAL B 83 -22.60 26.51 -30.54
CA VAL B 83 -22.03 25.56 -31.50
C VAL B 83 -21.42 26.27 -32.72
N GLU B 84 -20.15 25.98 -32.98
CA GLU B 84 -19.46 26.50 -34.15
C GLU B 84 -19.16 25.38 -35.14
N ALA B 85 -18.65 25.76 -36.32
CA ALA B 85 -18.34 24.78 -37.35
C ALA B 85 -17.26 23.79 -36.90
N GLU B 86 -16.34 24.28 -36.07
CA GLU B 86 -15.24 23.45 -35.56
C GLU B 86 -15.70 22.47 -34.50
N ASP B 87 -16.92 22.63 -34.01
CA ASP B 87 -17.44 21.78 -32.93
C ASP B 87 -18.24 20.60 -33.48
N LEU B 88 -18.39 20.54 -34.80
CA LEU B 88 -19.14 19.46 -35.42
C LEU B 88 -18.35 18.17 -35.47
N GLY B 89 -19.04 17.04 -35.29
CA GLY B 89 -18.41 15.75 -35.25
C GLY B 89 -19.06 14.86 -34.21
N VAL B 90 -18.33 13.86 -33.74
CA VAL B 90 -18.86 12.94 -32.75
C VAL B 90 -18.19 13.11 -31.39
N TYR B 91 -19.00 13.27 -30.35
CA TYR B 91 -18.49 13.39 -28.99
C TYR B 91 -18.60 12.07 -28.25
N TYR B 92 -17.48 11.62 -27.68
CA TYR B 92 -17.45 10.39 -26.89
C TYR B 92 -17.05 10.69 -25.46
N CYS B 93 -17.86 10.27 -24.50
CA CYS B 93 -17.41 10.26 -23.12
C CYS B 93 -16.76 8.91 -22.86
N TRP B 94 -15.79 8.88 -21.94
CA TRP B 94 -15.17 7.61 -21.56
C TRP B 94 -14.60 7.70 -20.14
N GLN B 95 -14.56 6.56 -19.47
CA GLN B 95 -14.09 6.50 -18.09
C GLN B 95 -12.76 5.78 -17.99
N GLY B 96 -11.93 6.21 -17.05
CA GLY B 96 -10.65 5.59 -16.80
C GLY B 96 -10.50 5.22 -15.34
N THR B 97 -11.62 5.22 -14.63
CA THR B 97 -11.65 4.89 -13.21
C THR B 97 -11.50 3.38 -13.02
N HIS B 98 -12.27 2.63 -13.80
CA HIS B 98 -12.23 1.18 -13.75
C HIS B 98 -11.75 0.63 -15.10
N PHE B 99 -10.86 -0.36 -15.04
CA PHE B 99 -10.43 -1.02 -16.27
C PHE B 99 -11.29 -2.26 -16.51
N PRO B 100 -11.59 -2.57 -17.77
CA PRO B 100 -11.11 -1.91 -19.00
C PRO B 100 -11.73 -0.54 -19.26
N ILE B 101 -10.96 0.34 -19.88
CA ILE B 101 -11.47 1.63 -20.32
C ILE B 101 -12.63 1.43 -21.29
N THR B 102 -13.73 2.11 -21.03
CA THR B 102 -14.93 1.97 -21.86
C THR B 102 -15.38 3.32 -22.40
N PHE B 103 -16.02 3.30 -23.57
CA PHE B 103 -16.48 4.52 -24.24
C PHE B 103 -18.00 4.53 -24.38
N GLY B 104 -18.59 5.72 -24.41
CA GLY B 104 -19.98 5.85 -24.79
C GLY B 104 -20.09 5.65 -26.29
N SER B 105 -21.30 5.40 -26.78
CA SER B 105 -21.49 5.08 -28.20
C SER B 105 -21.38 6.31 -29.10
N GLY B 106 -21.22 7.49 -28.50
CA GLY B 106 -20.99 8.70 -29.27
C GLY B 106 -22.23 9.51 -29.60
N THR B 107 -22.08 10.83 -29.58
CA THR B 107 -23.16 11.73 -29.96
C THR B 107 -22.74 12.55 -31.18
N LYS B 108 -23.46 12.34 -32.28
CA LYS B 108 -23.17 13.02 -33.53
C LYS B 108 -23.78 14.42 -33.53
N LEU B 109 -22.93 15.43 -33.59
CA LEU B 109 -23.39 16.82 -33.68
C LEU B 109 -23.22 17.34 -35.11
N GLU B 110 -24.31 17.76 -35.72
CA GLU B 110 -24.29 18.27 -37.09
C GLU B 110 -25.26 19.43 -37.27
N ILE B 111 -25.30 19.99 -38.48
CA ILE B 111 -26.22 21.08 -38.79
C ILE B 111 -27.24 20.66 -39.84
N ASN C 2 2.20 11.55 -13.46
CA ASN C 2 1.06 11.70 -14.36
C ASN C 2 1.28 11.02 -15.71
N LYS C 3 1.59 9.73 -15.63
CA LYS C 3 1.91 8.92 -16.79
C LYS C 3 0.69 8.76 -17.70
N GLU C 4 -0.50 8.77 -17.08
CA GLU C 4 -1.73 8.70 -17.85
C GLU C 4 -2.30 10.09 -18.14
N ASN C 5 -1.49 11.12 -17.91
CA ASN C 5 -1.89 12.50 -18.19
C ASN C 5 -3.26 12.85 -17.62
N CYS C 6 -3.53 12.36 -16.41
CA CYS C 6 -4.76 12.65 -15.67
C CYS C 6 -6.01 12.08 -16.34
N GLY C 7 -5.84 11.15 -17.28
CA GLY C 7 -6.96 10.61 -18.02
C GLY C 7 -7.54 9.33 -17.45
N ALA C 8 -6.72 8.59 -16.71
CA ALA C 8 -7.16 7.33 -16.11
C ALA C 8 -6.35 7.01 -14.87
N ALA C 9 -6.85 6.08 -14.06
CA ALA C 9 -6.19 5.69 -12.81
C ALA C 9 -4.95 4.84 -13.05
N GLN D 1 -12.25 -30.01 13.96
CA GLN D 1 -12.31 -28.79 14.74
C GLN D 1 -12.65 -27.59 13.85
N VAL D 2 -11.68 -27.13 13.06
CA VAL D 2 -11.89 -26.00 12.17
C VAL D 2 -12.25 -26.46 10.75
N ARG D 3 -13.31 -25.88 10.20
CA ARG D 3 -13.73 -26.19 8.84
C ARG D 3 -14.17 -24.93 8.09
N LEU D 4 -13.91 -24.90 6.79
CA LEU D 4 -14.42 -23.84 5.92
C LEU D 4 -15.31 -24.44 4.85
N GLN D 5 -16.60 -24.15 4.92
CA GLN D 5 -17.57 -24.73 4.00
C GLN D 5 -18.01 -23.73 2.94
N GLN D 6 -17.66 -24.02 1.69
CA GLN D 6 -17.98 -23.14 0.58
C GLN D 6 -19.27 -23.57 -0.11
N SER D 7 -19.90 -22.64 -0.82
CA SER D 7 -21.14 -22.91 -1.54
C SER D 7 -20.91 -23.83 -2.74
N GLY D 8 -22.00 -24.34 -3.29
CA GLY D 8 -21.93 -25.29 -4.39
C GLY D 8 -21.47 -24.72 -5.71
N ALA D 9 -21.22 -25.60 -6.67
CA ALA D 9 -20.69 -25.22 -7.97
C ALA D 9 -21.64 -24.31 -8.75
N GLU D 10 -21.07 -23.48 -9.61
CA GLU D 10 -21.83 -22.50 -10.38
C GLU D 10 -21.66 -22.71 -11.89
N LEU D 11 -22.78 -22.65 -12.60
CA LEU D 11 -22.75 -22.62 -14.07
C LEU D 11 -23.47 -21.37 -14.54
N VAL D 12 -22.73 -20.47 -15.18
CA VAL D 12 -23.24 -19.13 -15.44
C VAL D 12 -22.83 -18.59 -16.82
N LYS D 13 -23.75 -17.85 -17.45
CA LYS D 13 -23.53 -17.28 -18.78
C LYS D 13 -22.51 -16.13 -18.74
N PRO D 14 -21.87 -15.86 -19.89
CA PRO D 14 -20.93 -14.74 -20.04
C PRO D 14 -21.58 -13.38 -19.80
N GLY D 15 -20.91 -12.52 -19.02
CA GLY D 15 -21.42 -11.19 -18.74
C GLY D 15 -22.14 -11.09 -17.42
N ALA D 16 -22.50 -12.23 -16.84
CA ALA D 16 -23.23 -12.25 -15.58
C ALA D 16 -22.28 -12.14 -14.38
N SER D 17 -22.84 -12.25 -13.19
CA SER D 17 -22.06 -12.17 -11.95
C SER D 17 -22.42 -13.28 -10.97
N VAL D 18 -21.45 -13.70 -10.18
CA VAL D 18 -21.68 -14.71 -9.14
C VAL D 18 -21.17 -14.23 -7.79
N LYS D 19 -21.69 -14.81 -6.73
CA LYS D 19 -21.24 -14.49 -5.38
C LYS D 19 -21.06 -15.75 -4.56
N LEU D 20 -19.81 -16.14 -4.35
CA LEU D 20 -19.50 -17.37 -3.62
C LEU D 20 -19.44 -17.13 -2.12
N SER D 21 -19.88 -18.10 -1.34
CA SER D 21 -19.85 -17.95 0.12
C SER D 21 -18.89 -18.93 0.76
N CYS D 22 -18.34 -18.53 1.91
CA CYS D 22 -17.37 -19.32 2.66
C CYS D 22 -17.73 -19.24 4.14
N THR D 23 -18.36 -20.28 4.66
CA THR D 23 -18.79 -20.29 6.05
C THR D 23 -17.81 -21.06 6.91
N ALA D 24 -17.37 -20.45 8.00
CA ALA D 24 -16.35 -21.05 8.85
C ALA D 24 -16.92 -21.61 10.14
N SER D 25 -16.15 -22.49 10.76
CA SER D 25 -16.51 -23.08 12.04
C SER D 25 -15.23 -23.48 12.77
N GLY D 26 -15.26 -23.42 14.09
CA GLY D 26 -14.09 -23.76 14.89
C GLY D 26 -13.26 -22.53 15.24
N PHE D 27 -13.56 -21.41 14.58
CA PHE D 27 -12.88 -20.15 14.87
C PHE D 27 -13.70 -18.97 14.37
N ASN D 28 -13.41 -17.79 14.90
CA ASN D 28 -14.14 -16.59 14.52
C ASN D 28 -13.46 -15.81 13.41
N ILE D 29 -14.26 -15.38 12.44
CA ILE D 29 -13.76 -14.81 11.20
C ILE D 29 -13.05 -13.47 11.41
N LYS D 30 -13.39 -12.76 12.48
CA LYS D 30 -12.81 -11.44 12.73
C LYS D 30 -11.43 -11.54 13.36
N ASP D 31 -11.01 -12.75 13.72
CA ASP D 31 -9.70 -12.97 14.31
C ASP D 31 -8.67 -13.33 13.25
N ASP D 32 -9.10 -13.38 11.99
CA ASP D 32 -8.19 -13.70 10.89
C ASP D 32 -8.41 -12.80 9.68
N TYR D 33 -7.52 -12.91 8.70
CA TYR D 33 -7.79 -12.37 7.37
C TYR D 33 -8.36 -13.51 6.52
N MET D 34 -9.43 -13.22 5.78
CA MET D 34 -10.00 -14.23 4.89
C MET D 34 -9.55 -14.00 3.46
N HIS D 35 -8.96 -15.02 2.85
CA HIS D 35 -8.41 -14.91 1.51
C HIS D 35 -9.26 -15.66 0.47
N TRP D 36 -9.06 -15.31 -0.78
CA TRP D 36 -9.65 -16.05 -1.89
C TRP D 36 -8.58 -16.34 -2.92
N VAL D 37 -8.51 -17.60 -3.36
CA VAL D 37 -7.48 -18.04 -4.29
C VAL D 37 -8.10 -18.75 -5.50
N LYS D 38 -7.62 -18.40 -6.68
CA LYS D 38 -8.08 -18.97 -7.93
C LYS D 38 -7.15 -20.10 -8.39
N GLN D 39 -7.71 -21.21 -8.86
CA GLN D 39 -6.90 -22.32 -9.35
C GLN D 39 -7.39 -22.88 -10.69
N ARG D 40 -6.45 -22.96 -11.64
CA ARG D 40 -6.71 -23.58 -12.93
C ARG D 40 -5.61 -24.60 -13.23
N PRO D 41 -5.94 -25.63 -14.03
CA PRO D 41 -4.98 -26.72 -14.33
C PRO D 41 -3.61 -26.25 -14.83
N GLU D 42 -3.57 -25.22 -15.67
CA GLU D 42 -2.30 -24.77 -16.22
C GLU D 42 -1.79 -23.47 -15.58
N GLN D 43 -2.68 -22.51 -15.38
CA GLN D 43 -2.28 -21.23 -14.79
C GLN D 43 -1.95 -21.36 -13.31
N GLY D 44 -2.33 -22.48 -12.70
CA GLY D 44 -2.01 -22.74 -11.31
C GLY D 44 -2.74 -21.85 -10.33
N LEU D 45 -2.19 -21.73 -9.13
CA LEU D 45 -2.80 -20.94 -8.06
C LEU D 45 -2.57 -19.44 -8.25
N GLU D 46 -3.63 -18.67 -8.10
CA GLU D 46 -3.55 -17.21 -8.19
C GLU D 46 -4.30 -16.56 -7.04
N TRP D 47 -3.62 -15.70 -6.28
CA TRP D 47 -4.23 -14.99 -5.17
C TRP D 47 -5.13 -13.86 -5.69
N ILE D 48 -6.37 -13.82 -5.22
CA ILE D 48 -7.30 -12.78 -5.62
C ILE D 48 -7.22 -11.58 -4.68
N GLY D 49 -7.43 -11.82 -3.40
CA GLY D 49 -7.41 -10.76 -2.41
C GLY D 49 -7.73 -11.27 -1.02
N ARG D 50 -7.73 -10.35 -0.05
CA ARG D 50 -8.02 -10.70 1.33
C ARG D 50 -8.93 -9.65 1.96
N ILE D 51 -9.57 -10.01 3.06
CA ILE D 51 -10.39 -9.06 3.81
C ILE D 51 -10.14 -9.19 5.32
N ASP D 52 -10.16 -8.06 6.00
CA ASP D 52 -10.20 -8.01 7.46
C ASP D 52 -11.64 -7.81 7.91
N PRO D 53 -12.32 -8.91 8.28
CA PRO D 53 -13.76 -8.89 8.60
C PRO D 53 -14.07 -8.06 9.85
N ALA D 54 -13.05 -7.67 10.60
CA ALA D 54 -13.24 -6.85 11.78
C ALA D 54 -13.64 -5.42 11.39
N ASN D 55 -13.12 -4.95 10.26
CA ASN D 55 -13.36 -3.58 9.82
C ASN D 55 -13.70 -3.47 8.35
N GLY D 56 -13.82 -4.62 7.68
CA GLY D 56 -14.22 -4.65 6.28
C GLY D 56 -13.14 -4.20 5.30
N ASN D 57 -11.93 -3.98 5.81
CA ASN D 57 -10.83 -3.57 4.95
C ASN D 57 -10.43 -4.66 3.96
N THR D 58 -10.28 -4.27 2.70
CA THR D 58 -9.91 -5.19 1.65
C THR D 58 -8.69 -4.71 0.89
N GLN D 59 -8.00 -5.65 0.24
CA GLN D 59 -6.95 -5.32 -0.71
C GLN D 59 -6.85 -6.44 -1.73
N TYR D 60 -6.70 -6.07 -3.00
CA TYR D 60 -6.74 -7.04 -4.07
C TYR D 60 -5.44 -7.07 -4.85
N ALA D 61 -5.17 -8.19 -5.50
CA ALA D 61 -4.14 -8.24 -6.53
C ALA D 61 -4.62 -7.35 -7.67
N PRO D 62 -3.73 -6.50 -8.20
CA PRO D 62 -4.06 -5.56 -9.28
C PRO D 62 -4.85 -6.20 -10.42
N LYS D 63 -4.50 -7.44 -10.76
CA LYS D 63 -5.18 -8.19 -11.82
C LYS D 63 -6.67 -8.42 -11.52
N PHE D 64 -7.05 -8.34 -10.25
CA PHE D 64 -8.44 -8.63 -9.85
C PHE D 64 -9.18 -7.43 -9.29
N GLN D 65 -8.61 -6.24 -9.43
CA GLN D 65 -9.18 -5.02 -8.84
C GLN D 65 -10.62 -4.74 -9.29
N ASP D 66 -10.88 -4.84 -10.58
CA ASP D 66 -12.19 -4.51 -11.12
C ASP D 66 -13.01 -5.75 -11.46
N LYS D 67 -12.54 -6.90 -11.00
CA LYS D 67 -13.18 -8.17 -11.30
C LYS D 67 -13.86 -8.76 -10.06
N ALA D 68 -13.20 -8.63 -8.92
CA ALA D 68 -13.64 -9.29 -7.70
C ALA D 68 -14.02 -8.30 -6.60
N THR D 69 -14.94 -8.74 -5.75
CA THR D 69 -15.32 -7.97 -4.57
C THR D 69 -15.44 -8.90 -3.37
N ILE D 70 -14.65 -8.62 -2.33
CA ILE D 70 -14.69 -9.45 -1.14
C ILE D 70 -15.37 -8.75 0.02
N THR D 71 -16.37 -9.41 0.60
CA THR D 71 -17.05 -8.91 1.79
C THR D 71 -17.16 -10.01 2.83
N ALA D 72 -17.64 -9.67 4.02
CA ALA D 72 -17.77 -10.64 5.09
C ALA D 72 -18.91 -10.28 6.06
N ASP D 73 -19.43 -11.30 6.73
CA ASP D 73 -20.46 -11.12 7.75
C ASP D 73 -20.02 -11.81 9.02
N THR D 74 -19.58 -11.03 10.01
CA THR D 74 -19.09 -11.57 11.27
C THR D 74 -20.21 -12.28 12.04
N SER D 75 -21.42 -11.74 11.96
CA SER D 75 -22.58 -12.33 12.61
C SER D 75 -22.89 -13.72 12.06
N SER D 76 -22.54 -13.95 10.79
CA SER D 76 -22.79 -15.23 10.14
C SER D 76 -21.50 -16.04 9.98
N ASN D 77 -20.38 -15.44 10.36
CA ASN D 77 -19.06 -16.06 10.25
C ASN D 77 -18.76 -16.49 8.81
N THR D 78 -19.23 -15.70 7.85
CA THR D 78 -19.15 -16.07 6.44
C THR D 78 -18.43 -15.00 5.60
N ALA D 79 -17.50 -15.44 4.77
CA ALA D 79 -16.82 -14.55 3.83
C ALA D 79 -17.42 -14.74 2.44
N TYR D 80 -17.38 -13.69 1.63
CA TYR D 80 -17.98 -13.74 0.29
C TYR D 80 -17.02 -13.30 -0.79
N LEU D 81 -17.17 -13.89 -1.98
CA LEU D 81 -16.43 -13.45 -3.16
C LEU D 81 -17.36 -13.18 -4.33
N GLN D 82 -17.48 -11.91 -4.71
CA GLN D 82 -18.33 -11.54 -5.83
C GLN D 82 -17.50 -11.31 -7.09
N LEU D 83 -17.80 -12.09 -8.13
CA LEU D 83 -17.12 -11.97 -9.41
C LEU D 83 -18.03 -11.33 -10.45
N THR D 84 -17.55 -10.30 -11.12
CA THR D 84 -18.39 -9.56 -12.07
C THR D 84 -17.90 -9.70 -13.50
N SER D 85 -18.79 -9.40 -14.45
CA SER D 85 -18.48 -9.41 -15.88
C SER D 85 -17.74 -10.68 -16.29
N LEU D 86 -18.35 -11.82 -15.97
CA LEU D 86 -17.72 -13.11 -16.16
C LEU D 86 -17.41 -13.44 -17.62
N THR D 87 -16.17 -13.86 -17.86
CA THR D 87 -15.75 -14.35 -19.17
C THR D 87 -15.20 -15.78 -19.02
N SER D 88 -14.82 -16.39 -20.13
CA SER D 88 -14.31 -17.75 -20.13
C SER D 88 -13.06 -17.92 -19.29
N GLU D 89 -12.34 -16.82 -19.06
CA GLU D 89 -11.12 -16.85 -18.26
C GLU D 89 -11.41 -17.08 -16.78
N ASP D 90 -12.64 -16.76 -16.36
CA ASP D 90 -13.00 -16.86 -14.96
C ASP D 90 -13.39 -18.28 -14.58
N THR D 91 -13.49 -19.15 -15.58
CA THR D 91 -13.74 -20.57 -15.33
C THR D 91 -12.58 -21.14 -14.52
N ALA D 92 -12.85 -21.47 -13.26
CA ALA D 92 -11.83 -21.95 -12.35
C ALA D 92 -12.44 -22.52 -11.09
N VAL D 93 -11.59 -23.03 -10.20
CA VAL D 93 -12.00 -23.36 -8.85
C VAL D 93 -11.58 -22.21 -7.94
N TYR D 94 -12.48 -21.79 -7.06
CA TYR D 94 -12.19 -20.68 -6.16
C TYR D 94 -12.19 -21.13 -4.71
N TYR D 95 -11.04 -21.00 -4.08
CA TYR D 95 -10.88 -21.40 -2.69
C TYR D 95 -10.93 -20.19 -1.76
N CYS D 96 -11.55 -20.38 -0.60
CA CYS D 96 -11.40 -19.43 0.49
C CYS D 96 -10.44 -20.06 1.50
N ALA D 97 -9.76 -19.23 2.27
CA ALA D 97 -8.81 -19.73 3.25
C ALA D 97 -8.68 -18.75 4.41
N ARG D 98 -8.36 -19.27 5.59
CA ARG D 98 -8.19 -18.41 6.76
C ARG D 98 -6.82 -17.72 6.70
N GLY D 99 -6.52 -16.94 7.73
CA GLY D 99 -5.30 -16.15 7.77
C GLY D 99 -4.03 -16.90 7.39
N GLY D 100 -3.27 -16.30 6.47
CA GLY D 100 -2.01 -16.86 6.02
C GLY D 100 -2.16 -18.17 5.28
N LEU D 101 -3.33 -18.38 4.69
CA LEU D 101 -3.64 -19.58 3.92
C LEU D 101 -3.38 -20.86 4.73
N LEU D 102 -3.64 -20.80 6.03
CA LEU D 102 -3.42 -21.92 6.92
C LEU D 102 -4.29 -23.12 6.57
N ARG D 103 -5.59 -22.89 6.51
CA ARG D 103 -6.54 -23.94 6.14
C ARG D 103 -7.47 -23.43 5.05
N TRP D 104 -7.82 -24.31 4.12
CA TRP D 104 -8.59 -23.93 2.95
C TRP D 104 -9.96 -24.60 2.93
N GLY D 105 -10.92 -23.96 2.27
CA GLY D 105 -12.23 -24.56 2.04
C GLY D 105 -12.13 -25.59 0.94
N GLN D 106 -13.21 -26.30 0.67
CA GLN D 106 -13.17 -27.40 -0.30
C GLN D 106 -13.15 -26.89 -1.74
N GLY D 107 -13.27 -25.58 -1.92
CA GLY D 107 -13.23 -24.99 -3.24
C GLY D 107 -14.57 -24.98 -3.93
N THR D 108 -14.80 -23.97 -4.76
CA THR D 108 -16.05 -23.84 -5.50
C THR D 108 -15.79 -23.73 -6.99
N SER D 109 -16.28 -24.71 -7.74
CA SER D 109 -16.12 -24.73 -9.18
C SER D 109 -17.05 -23.73 -9.87
N VAL D 110 -16.46 -22.75 -10.56
CA VAL D 110 -17.24 -21.80 -11.36
C VAL D 110 -16.97 -22.01 -12.84
N THR D 111 -18.03 -22.28 -13.61
CA THR D 111 -17.89 -22.51 -15.03
C THR D 111 -18.71 -21.51 -15.84
N VAL D 112 -18.04 -20.81 -16.75
CA VAL D 112 -18.69 -19.81 -17.60
C VAL D 112 -18.84 -20.35 -19.01
N SER D 113 -20.08 -20.61 -19.42
CA SER D 113 -20.34 -21.22 -20.72
C SER D 113 -21.67 -20.78 -21.33
N SER D 114 -21.83 -21.07 -22.62
CA SER D 114 -23.07 -20.81 -23.35
C SER D 114 -23.48 -19.33 -23.29
N ASP E 1 5.31 -8.90 -10.51
CA ASP E 1 5.26 -9.51 -9.19
C ASP E 1 6.43 -10.46 -8.98
N VAL E 2 6.47 -11.09 -7.81
CA VAL E 2 7.55 -12.02 -7.47
C VAL E 2 7.27 -13.40 -8.07
N VAL E 3 8.18 -13.85 -8.93
CA VAL E 3 8.03 -15.16 -9.56
C VAL E 3 8.61 -16.25 -8.67
N MET E 4 7.77 -17.23 -8.34
CA MET E 4 8.21 -18.38 -7.56
C MET E 4 8.35 -19.59 -8.46
N THR E 5 9.55 -20.16 -8.52
CA THR E 5 9.80 -21.28 -9.41
C THR E 5 10.28 -22.51 -8.64
N GLN E 6 9.67 -23.66 -8.95
CA GLN E 6 10.01 -24.90 -8.27
C GLN E 6 10.64 -25.92 -9.21
N THR E 7 11.60 -26.68 -8.68
CA THR E 7 12.20 -27.79 -9.40
C THR E 7 12.43 -28.94 -8.43
N PRO E 8 12.12 -30.18 -8.84
CA PRO E 8 11.51 -30.54 -10.13
C PRO E 8 9.99 -30.39 -10.11
N LEU E 9 9.35 -30.46 -11.27
CA LEU E 9 7.90 -30.31 -11.35
C LEU E 9 7.18 -31.58 -10.92
N THR E 10 7.77 -32.72 -11.21
CA THR E 10 7.25 -34.00 -10.74
C THR E 10 8.37 -34.79 -10.09
N LEU E 11 8.02 -35.65 -9.15
CA LEU E 11 9.02 -36.41 -8.40
C LEU E 11 8.46 -37.76 -7.93
N SER E 12 8.98 -38.84 -8.50
CA SER E 12 8.54 -40.18 -8.16
C SER E 12 9.58 -40.90 -7.31
N VAL E 13 9.18 -41.34 -6.11
CA VAL E 13 10.09 -41.98 -5.18
C VAL E 13 9.58 -43.33 -4.67
N THR E 14 10.50 -44.11 -4.12
CA THR E 14 10.14 -45.35 -3.44
C THR E 14 9.69 -45.01 -2.02
N ILE E 15 8.91 -45.90 -1.41
CA ILE E 15 8.47 -45.71 -0.04
C ILE E 15 9.66 -45.70 0.92
N GLY E 16 9.67 -44.75 1.84
CA GLY E 16 10.72 -44.67 2.85
C GLY E 16 11.93 -43.89 2.36
N GLN E 17 11.94 -43.58 1.08
CA GLN E 17 13.04 -42.84 0.47
C GLN E 17 12.92 -41.35 0.79
N PRO E 18 14.06 -40.68 1.02
CA PRO E 18 14.03 -39.24 1.25
C PRO E 18 13.69 -38.47 -0.02
N ALA E 19 13.39 -37.18 0.13
CA ALA E 19 13.07 -36.35 -1.02
C ALA E 19 13.46 -34.89 -0.76
N SER E 20 13.73 -34.16 -1.83
CA SER E 20 14.11 -32.76 -1.71
C SER E 20 13.46 -31.92 -2.80
N ILE E 21 12.78 -30.86 -2.39
CA ILE E 21 12.11 -29.96 -3.33
C ILE E 21 12.67 -28.54 -3.23
N SER E 22 13.07 -28.00 -4.38
CA SER E 22 13.62 -26.65 -4.42
C SER E 22 12.54 -25.61 -4.69
N CYS E 23 12.71 -24.43 -4.10
CA CYS E 23 11.86 -23.28 -4.37
C CYS E 23 12.70 -22.03 -4.48
N LYS E 24 12.53 -21.27 -5.56
CA LYS E 24 13.32 -20.06 -5.76
C LYS E 24 12.47 -18.87 -6.19
N SER E 25 12.80 -17.70 -5.66
CA SER E 25 12.06 -16.48 -5.94
C SER E 25 12.89 -15.51 -6.78
N SER E 26 12.21 -14.61 -7.47
CA SER E 26 12.87 -13.68 -8.37
C SER E 26 13.50 -12.51 -7.63
N GLN E 27 13.12 -12.34 -6.37
CA GLN E 27 13.75 -11.38 -5.47
C GLN E 27 13.70 -11.87 -4.04
N SER E 28 14.45 -11.22 -3.15
CA SER E 28 14.54 -11.61 -1.75
C SER E 28 13.18 -11.60 -1.06
N LEU E 29 12.96 -12.55 -0.16
CA LEU E 29 11.69 -12.64 0.54
C LEU E 29 11.83 -12.21 2.00
N LEU E 30 13.00 -11.67 2.33
CA LEU E 30 13.18 -11.05 3.63
C LEU E 30 12.41 -9.74 3.67
N HIS E 31 11.35 -9.70 4.46
CA HIS E 31 10.55 -8.49 4.64
C HIS E 31 11.32 -7.50 5.50
N SER E 32 11.02 -6.22 5.34
CA SER E 32 11.72 -5.18 6.10
C SER E 32 11.39 -5.23 7.59
N ASN E 33 10.34 -5.97 7.96
CA ASN E 33 10.00 -6.13 9.36
C ASN E 33 10.89 -7.16 10.03
N GLY E 34 11.73 -7.82 9.24
CA GLY E 34 12.71 -8.75 9.75
C GLY E 34 12.44 -10.21 9.44
N LYS E 35 11.22 -10.54 9.02
CA LYS E 35 10.85 -11.93 8.82
C LYS E 35 10.77 -12.31 7.33
N THR E 36 10.97 -13.58 7.06
CA THR E 36 10.90 -14.11 5.70
C THR E 36 9.65 -14.96 5.54
N TYR E 37 8.66 -14.43 4.82
CA TYR E 37 7.36 -15.09 4.73
C TYR E 37 7.30 -16.10 3.59
N LEU E 38 8.07 -17.17 3.71
CA LEU E 38 7.98 -18.27 2.75
C LEU E 38 7.28 -19.49 3.35
N ASN E 39 6.27 -19.99 2.65
CA ASN E 39 5.47 -21.08 3.16
C ASN E 39 5.41 -22.27 2.22
N TRP E 40 4.96 -23.40 2.74
CA TRP E 40 4.79 -24.60 1.93
C TRP E 40 3.38 -25.13 2.06
N LEU E 41 2.76 -25.42 0.92
CA LEU E 41 1.43 -26.01 0.89
C LEU E 41 1.49 -27.44 0.37
N LEU E 42 0.68 -28.32 0.96
CA LEU E 42 0.51 -29.65 0.42
C LEU E 42 -0.93 -29.83 -0.02
N GLN E 43 -1.13 -30.18 -1.28
CA GLN E 43 -2.46 -30.47 -1.79
C GLN E 43 -2.56 -31.94 -2.13
N ARG E 44 -3.04 -32.73 -1.17
CA ARG E 44 -3.24 -34.15 -1.38
C ARG E 44 -4.28 -34.39 -2.48
N PRO E 45 -4.14 -35.49 -3.22
CA PRO E 45 -5.01 -35.78 -4.36
C PRO E 45 -6.49 -35.77 -3.99
N GLY E 46 -7.27 -34.93 -4.68
CA GLY E 46 -8.69 -34.81 -4.44
C GLY E 46 -9.03 -33.81 -3.35
N GLN E 47 -8.02 -33.39 -2.60
CA GLN E 47 -8.24 -32.47 -1.49
C GLN E 47 -7.80 -31.05 -1.83
N SER E 48 -8.13 -30.10 -0.97
CA SER E 48 -7.71 -28.72 -1.12
C SER E 48 -6.33 -28.54 -0.52
N PRO E 49 -5.59 -27.49 -0.95
CA PRO E 49 -4.27 -27.22 -0.39
C PRO E 49 -4.30 -27.04 1.12
N LYS E 50 -3.15 -27.24 1.77
CA LYS E 50 -3.05 -27.09 3.20
C LYS E 50 -1.62 -26.73 3.59
N ARG E 51 -1.47 -25.74 4.47
CA ARG E 51 -0.16 -25.25 4.87
C ARG E 51 0.57 -26.28 5.74
N LEU E 52 1.85 -26.50 5.42
CA LEU E 52 2.69 -27.40 6.21
C LEU E 52 3.77 -26.63 6.96
N ILE E 53 4.36 -25.67 6.25
CA ILE E 53 5.48 -24.89 6.75
C ILE E 53 5.20 -23.39 6.60
N TYR E 54 5.63 -22.60 7.58
CA TYR E 54 5.55 -21.15 7.50
C TYR E 54 6.82 -20.54 8.06
N LEU E 55 7.10 -19.29 7.70
CA LEU E 55 8.31 -18.60 8.15
C LEU E 55 9.54 -19.46 7.89
N VAL E 56 9.63 -19.99 6.68
CA VAL E 56 10.75 -20.80 6.20
C VAL E 56 10.89 -22.17 6.89
N SER E 57 10.89 -22.19 8.22
CA SER E 57 11.25 -23.42 8.94
C SER E 57 10.24 -23.92 9.97
N LYS E 58 9.24 -23.11 10.30
CA LYS E 58 8.27 -23.51 11.31
C LYS E 58 7.26 -24.51 10.78
N LEU E 59 6.96 -25.53 11.58
CA LEU E 59 5.98 -26.55 11.21
C LEU E 59 4.61 -26.21 11.76
N ASP E 60 3.58 -26.37 10.92
CA ASP E 60 2.21 -26.21 11.38
C ASP E 60 1.85 -27.38 12.28
N SER E 61 0.77 -27.22 13.04
CA SER E 61 0.34 -28.26 13.96
C SER E 61 -0.07 -29.52 13.22
N GLY E 62 0.34 -30.67 13.73
CA GLY E 62 -0.03 -31.95 13.14
C GLY E 62 0.96 -32.46 12.10
N VAL E 63 1.81 -31.58 11.59
CA VAL E 63 2.77 -31.95 10.57
C VAL E 63 3.97 -32.68 11.18
N PRO E 64 4.28 -33.88 10.65
CA PRO E 64 5.40 -34.69 11.14
C PRO E 64 6.74 -33.96 10.98
N ASP E 65 7.67 -34.22 11.89
CA ASP E 65 8.96 -33.53 11.82
C ASP E 65 9.90 -34.22 10.84
N ARG E 66 9.37 -35.14 10.04
CA ARG E 66 10.08 -35.66 8.87
C ARG E 66 10.31 -34.52 7.89
N PHE E 67 9.35 -33.60 7.86
CA PHE E 67 9.46 -32.39 7.06
C PHE E 67 10.36 -31.37 7.72
N THR E 68 11.29 -30.80 6.95
CA THR E 68 12.07 -29.67 7.42
C THR E 68 12.14 -28.61 6.33
N GLY E 69 11.87 -27.37 6.72
CA GLY E 69 11.97 -26.25 5.79
C GLY E 69 13.23 -25.46 6.06
N SER E 70 13.94 -25.10 4.99
CA SER E 70 15.19 -24.37 5.13
C SER E 70 15.42 -23.41 3.97
N GLY E 71 16.47 -22.61 4.07
CA GLY E 71 16.81 -21.65 3.03
C GLY E 71 16.74 -20.20 3.50
N SER E 72 17.08 -19.28 2.61
CA SER E 72 17.04 -17.85 2.91
C SER E 72 17.17 -17.03 1.63
N GLY E 73 16.82 -15.74 1.73
CA GLY E 73 16.93 -14.83 0.60
C GLY E 73 16.03 -15.21 -0.55
N THR E 74 16.61 -15.85 -1.55
CA THR E 74 15.87 -16.25 -2.74
C THR E 74 15.79 -17.76 -2.90
N ASP E 75 16.60 -18.49 -2.13
CA ASP E 75 16.69 -19.94 -2.26
C ASP E 75 16.12 -20.67 -1.05
N PHE E 76 15.23 -21.63 -1.31
CA PHE E 76 14.54 -22.34 -0.25
C PHE E 76 14.37 -23.83 -0.59
N THR E 77 14.28 -24.66 0.45
CA THR E 77 14.18 -26.10 0.25
C THR E 77 13.24 -26.75 1.25
N LEU E 78 12.42 -27.67 0.76
CA LEU E 78 11.62 -28.53 1.62
C LEU E 78 12.13 -29.95 1.53
N LYS E 79 12.40 -30.56 2.69
CA LYS E 79 12.93 -31.91 2.71
C LYS E 79 12.03 -32.87 3.49
N ILE E 80 11.84 -34.05 2.93
CA ILE E 80 11.18 -35.15 3.62
C ILE E 80 12.20 -36.26 3.87
N SER E 81 12.43 -36.59 5.13
CA SER E 81 13.46 -37.56 5.50
C SER E 81 13.10 -38.96 5.02
N SER E 82 11.82 -39.25 5.01
CA SER E 82 11.31 -40.55 4.60
C SER E 82 9.87 -40.43 4.14
N VAL E 83 9.63 -40.61 2.84
CA VAL E 83 8.31 -40.42 2.26
C VAL E 83 7.32 -41.49 2.68
N GLU E 84 6.17 -41.07 3.19
CA GLU E 84 5.09 -41.99 3.53
C GLU E 84 3.91 -41.77 2.59
N ALA E 85 2.85 -42.55 2.78
CA ALA E 85 1.70 -42.53 1.89
C ALA E 85 1.01 -41.17 1.87
N GLU E 86 0.97 -40.51 3.04
CA GLU E 86 0.22 -39.27 3.18
C GLU E 86 1.02 -38.05 2.74
N ASP E 87 2.27 -38.27 2.32
CA ASP E 87 3.11 -37.20 1.82
C ASP E 87 2.86 -36.96 0.34
N LEU E 88 2.12 -37.88 -0.28
CA LEU E 88 1.88 -37.83 -1.71
C LEU E 88 0.89 -36.74 -2.09
N GLY E 89 1.20 -36.03 -3.16
CA GLY E 89 0.34 -34.96 -3.64
C GLY E 89 1.16 -33.91 -4.34
N VAL E 90 0.64 -32.69 -4.40
CA VAL E 90 1.35 -31.57 -5.02
C VAL E 90 1.78 -30.56 -3.97
N TYR E 91 3.07 -30.23 -3.97
CA TYR E 91 3.61 -29.26 -3.03
C TYR E 91 3.77 -27.88 -3.66
N TYR E 92 3.26 -26.86 -2.98
CA TYR E 92 3.39 -25.48 -3.43
C TYR E 92 4.15 -24.63 -2.43
N CYS E 93 5.17 -23.92 -2.89
CA CYS E 93 5.79 -22.89 -2.08
C CYS E 93 5.16 -21.55 -2.43
N TRP E 94 4.99 -20.67 -1.44
CA TRP E 94 4.43 -19.35 -1.72
C TRP E 94 4.96 -18.30 -0.75
N GLN E 95 4.95 -17.05 -1.20
CA GLN E 95 5.51 -15.95 -0.43
C GLN E 95 4.44 -14.95 -0.02
N GLY E 96 4.56 -14.45 1.21
CA GLY E 96 3.67 -13.41 1.71
C GLY E 96 4.47 -12.19 2.12
N THR E 97 5.64 -12.04 1.52
CA THR E 97 6.50 -10.90 1.80
C THR E 97 6.13 -9.73 0.89
N HIS E 98 5.98 -10.02 -0.39
CA HIS E 98 5.61 -8.99 -1.36
C HIS E 98 4.21 -9.23 -1.90
N PHE E 99 3.40 -8.18 -1.90
CA PHE E 99 2.05 -8.31 -2.41
C PHE E 99 2.00 -7.91 -3.89
N PRO E 100 1.22 -8.66 -4.69
CA PRO E 100 0.32 -9.74 -4.29
C PRO E 100 1.03 -11.06 -3.95
N ILE E 101 0.38 -11.86 -3.12
CA ILE E 101 0.83 -13.21 -2.83
C ILE E 101 0.95 -14.01 -4.13
N THR E 102 2.10 -14.68 -4.32
CA THR E 102 2.32 -15.48 -5.52
C THR E 102 2.74 -16.89 -5.16
N PHE E 103 2.45 -17.84 -6.04
CA PHE E 103 2.68 -19.26 -5.77
C PHE E 103 3.67 -19.90 -6.73
N GLY E 104 4.34 -20.94 -6.27
CA GLY E 104 5.14 -21.78 -7.16
C GLY E 104 4.21 -22.61 -8.04
N SER E 105 4.74 -23.14 -9.12
CA SER E 105 3.93 -23.90 -10.08
C SER E 105 3.57 -25.29 -9.56
N GLY E 106 4.23 -25.73 -8.49
CA GLY E 106 3.87 -26.97 -7.85
C GLY E 106 4.79 -28.14 -8.16
N THR E 107 4.93 -29.05 -7.20
CA THR E 107 5.72 -30.25 -7.38
C THR E 107 4.92 -31.48 -6.97
N LYS E 108 4.65 -32.35 -7.95
CA LYS E 108 3.88 -33.56 -7.72
C LYS E 108 4.76 -34.69 -7.20
N LEU E 109 4.48 -35.15 -5.98
CA LEU E 109 5.24 -36.24 -5.39
C LEU E 109 4.64 -37.59 -5.77
N GLU E 110 5.35 -38.31 -6.64
CA GLU E 110 4.91 -39.59 -7.20
C GLU E 110 3.53 -39.49 -7.85
N ASN F 2 -2.45 -12.88 15.90
CA ASN F 2 -1.79 -12.75 14.61
C ASN F 2 -2.70 -13.23 13.50
N LYS F 3 -3.40 -12.29 12.88
CA LYS F 3 -4.51 -12.60 12.00
C LYS F 3 -4.10 -13.29 10.70
N GLU F 4 -2.83 -13.15 10.32
CA GLU F 4 -2.33 -13.85 9.14
C GLU F 4 -1.65 -15.17 9.55
N ASN F 5 -1.77 -15.52 10.83
CA ASN F 5 -1.20 -16.75 11.35
C ASN F 5 0.27 -16.93 10.94
N CYS F 6 0.99 -15.82 10.92
CA CYS F 6 2.42 -15.78 10.62
C CYS F 6 2.75 -16.22 9.19
N GLY F 7 1.75 -16.17 8.31
CA GLY F 7 1.93 -16.61 6.94
C GLY F 7 2.24 -15.51 5.94
N ALA F 8 1.84 -14.29 6.26
CA ALA F 8 2.05 -13.15 5.37
C ALA F 8 2.17 -11.85 6.14
N ALA F 9 2.74 -10.83 5.51
CA ALA F 9 2.93 -9.53 6.16
C ALA F 9 1.63 -8.75 6.20
N GLN G 1 -8.02 6.65 6.11
CA GLN G 1 -7.07 5.54 5.98
C GLN G 1 -5.67 6.04 5.63
N VAL G 2 -5.58 7.10 4.82
CA VAL G 2 -4.30 7.63 4.39
C VAL G 2 -3.62 8.44 5.49
N ARG G 3 -2.43 8.01 5.89
CA ARG G 3 -1.70 8.67 6.97
C ARG G 3 -0.21 8.76 6.63
N LEU G 4 0.44 9.77 7.19
CA LEU G 4 1.90 9.91 7.04
C LEU G 4 2.48 10.28 8.40
N GLN G 5 3.16 9.32 9.02
CA GLN G 5 3.67 9.50 10.38
C GLN G 5 5.19 9.67 10.38
N GLN G 6 5.64 10.84 10.83
CA GLN G 6 7.06 11.15 10.85
C GLN G 6 7.67 10.91 12.22
N SER G 7 8.99 10.79 12.26
CA SER G 7 9.72 10.55 13.51
C SER G 7 9.69 11.76 14.43
N GLY G 8 10.23 11.59 15.64
CA GLY G 8 10.16 12.61 16.67
C GLY G 8 11.16 13.74 16.51
N ALA G 9 10.98 14.78 17.33
CA ALA G 9 11.82 15.96 17.28
C ALA G 9 13.31 15.64 17.51
N GLU G 10 14.17 16.46 16.95
CA GLU G 10 15.61 16.26 17.07
C GLU G 10 16.31 17.49 17.65
N LEU G 11 17.05 17.29 18.74
CA LEU G 11 17.89 18.33 19.30
C LEU G 11 19.36 17.98 19.07
N VAL G 12 19.94 18.54 18.01
CA VAL G 12 21.27 18.14 17.59
C VAL G 12 22.25 19.32 17.59
N LYS G 13 23.54 19.01 17.70
CA LYS G 13 24.58 20.04 17.69
C LYS G 13 25.06 20.29 16.26
N PRO G 14 25.66 21.47 16.01
CA PRO G 14 26.21 21.79 14.69
C PRO G 14 27.27 20.78 14.21
N GLY G 15 27.25 20.48 12.91
CA GLY G 15 28.23 19.58 12.33
C GLY G 15 27.78 18.13 12.24
N ALA G 16 26.79 17.78 13.06
CA ALA G 16 26.29 16.41 13.09
C ALA G 16 25.29 16.15 11.97
N SER G 17 24.67 14.98 11.98
CA SER G 17 23.70 14.60 10.96
C SER G 17 22.50 13.89 11.56
N VAL G 18 21.33 14.07 10.95
CA VAL G 18 20.12 13.39 11.38
C VAL G 18 19.44 12.68 10.22
N LYS G 19 18.63 11.67 10.55
CA LYS G 19 17.89 10.94 9.53
C LYS G 19 16.42 10.83 9.92
N LEU G 20 15.56 11.55 9.20
CA LEU G 20 14.16 11.61 9.53
C LEU G 20 13.37 10.55 8.76
N SER G 21 12.38 9.95 9.40
CA SER G 21 11.58 8.89 8.77
C SER G 21 10.16 9.36 8.48
N CYS G 22 9.59 8.81 7.40
CA CYS G 22 8.22 9.10 7.01
C CYS G 22 7.51 7.80 6.65
N THR G 23 6.61 7.35 7.52
CA THR G 23 5.95 6.06 7.33
C THR G 23 4.51 6.25 6.85
N ALA G 24 4.19 5.65 5.71
CA ALA G 24 2.89 5.86 5.07
C ALA G 24 1.92 4.71 5.32
N SER G 25 0.66 5.08 5.50
CA SER G 25 -0.42 4.10 5.63
C SER G 25 -1.55 4.48 4.67
N GLY G 26 -2.27 3.47 4.17
CA GLY G 26 -3.41 3.71 3.31
C GLY G 26 -3.07 3.61 1.84
N PHE G 27 -1.80 3.81 1.51
CA PHE G 27 -1.36 3.71 0.13
C PHE G 27 0.07 3.18 0.06
N ASN G 28 0.47 2.77 -1.13
CA ASN G 28 1.84 2.33 -1.37
C ASN G 28 2.67 3.47 -1.93
N ILE G 29 3.78 3.79 -1.27
CA ILE G 29 4.60 4.92 -1.71
C ILE G 29 5.19 4.66 -3.09
N LYS G 30 5.28 3.40 -3.48
CA LYS G 30 5.78 3.04 -4.81
C LYS G 30 4.87 3.63 -5.90
N ASP G 31 3.60 3.86 -5.58
CA ASP G 31 2.64 4.39 -6.53
C ASP G 31 2.66 5.91 -6.56
N ASP G 32 3.53 6.51 -5.74
CA ASP G 32 3.67 7.96 -5.68
C ASP G 32 5.11 8.38 -5.86
N TYR G 33 5.30 9.69 -5.98
CA TYR G 33 6.58 10.31 -5.68
C TYR G 33 6.49 10.83 -4.26
N MET G 34 7.54 10.62 -3.47
CA MET G 34 7.57 11.14 -2.11
C MET G 34 8.44 12.37 -2.06
N HIS G 35 7.92 13.44 -1.45
CA HIS G 35 8.64 14.71 -1.40
C HIS G 35 9.01 15.07 0.04
N TRP G 36 10.06 15.87 0.18
CA TRP G 36 10.41 16.44 1.47
C TRP G 36 10.42 17.96 1.35
N VAL G 37 9.82 18.62 2.33
CA VAL G 37 9.70 20.08 2.31
C VAL G 37 10.19 20.68 3.62
N LYS G 38 10.92 21.78 3.53
CA LYS G 38 11.41 22.49 4.71
C LYS G 38 10.55 23.72 5.00
N GLN G 39 10.21 23.92 6.27
CA GLN G 39 9.43 25.10 6.65
C GLN G 39 10.05 25.86 7.82
N ARG G 40 10.07 27.19 7.68
CA ARG G 40 10.50 28.10 8.73
C ARG G 40 9.54 29.29 8.78
N PRO G 41 9.37 29.90 9.96
CA PRO G 41 8.47 31.04 10.10
C PRO G 41 8.85 32.23 9.21
N GLU G 42 10.14 32.56 9.17
CA GLU G 42 10.61 33.67 8.35
C GLU G 42 10.65 33.32 6.87
N GLN G 43 11.29 32.19 6.56
CA GLN G 43 11.62 31.85 5.18
C GLN G 43 10.55 31.02 4.47
N GLY G 44 9.49 30.67 5.19
CA GLY G 44 8.39 29.93 4.59
C GLY G 44 8.75 28.53 4.14
N LEU G 45 8.12 28.08 3.06
CA LEU G 45 8.30 26.71 2.57
C LEU G 45 9.36 26.61 1.47
N GLU G 46 10.20 25.58 1.55
CA GLU G 46 11.22 25.32 0.54
C GLU G 46 11.23 23.85 0.14
N TRP G 47 11.17 23.59 -1.15
CA TRP G 47 11.18 22.22 -1.66
C TRP G 47 12.60 21.67 -1.66
N ILE G 48 12.78 20.50 -1.05
CA ILE G 48 14.10 19.90 -0.91
C ILE G 48 14.41 18.95 -2.07
N GLY G 49 13.59 17.92 -2.20
CA GLY G 49 13.78 16.94 -3.25
C GLY G 49 12.63 15.97 -3.38
N ARG G 50 12.81 14.97 -4.25
CA ARG G 50 11.77 14.02 -4.58
C ARG G 50 12.40 12.65 -4.83
N ILE G 51 11.69 11.59 -4.45
CA ILE G 51 12.16 10.24 -4.74
C ILE G 51 11.06 9.37 -5.34
N ASP G 52 11.44 8.51 -6.27
CA ASP G 52 10.56 7.48 -6.81
C ASP G 52 10.87 6.17 -6.11
N PRO G 53 10.02 5.76 -5.16
CA PRO G 53 10.27 4.55 -4.35
C PRO G 53 10.33 3.26 -5.17
N ALA G 54 9.85 3.30 -6.40
CA ALA G 54 9.86 2.11 -7.25
C ALA G 54 11.24 1.84 -7.85
N ASN G 55 11.88 2.88 -8.37
CA ASN G 55 13.18 2.72 -9.03
C ASN G 55 14.33 3.42 -8.28
N GLY G 56 14.01 4.05 -7.16
CA GLY G 56 15.02 4.69 -6.34
C GLY G 56 15.61 5.98 -6.91
N ASN G 57 14.98 6.52 -7.95
CA ASN G 57 15.49 7.75 -8.55
C ASN G 57 15.15 8.99 -7.72
N THR G 58 16.12 9.88 -7.59
CA THR G 58 15.94 11.11 -6.82
C THR G 58 16.24 12.34 -7.67
N GLN G 59 15.69 13.47 -7.25
CA GLN G 59 16.06 14.76 -7.80
C GLN G 59 16.00 15.78 -6.68
N TYR G 60 17.00 16.66 -6.64
CA TYR G 60 17.10 17.64 -5.56
C TYR G 60 17.16 19.05 -6.12
N ALA G 61 16.65 20.01 -5.34
CA ALA G 61 16.91 21.41 -5.62
C ALA G 61 18.39 21.65 -5.36
N PRO G 62 19.05 22.42 -6.26
CA PRO G 62 20.49 22.67 -6.19
C PRO G 62 20.96 23.19 -4.82
N LYS G 63 20.08 23.86 -4.12
CA LYS G 63 20.38 24.42 -2.79
C LYS G 63 20.60 23.33 -1.74
N PHE G 64 19.90 22.20 -1.90
CA PHE G 64 20.00 21.09 -0.94
C PHE G 64 20.76 19.89 -1.51
N GLN G 65 21.42 20.09 -2.63
CA GLN G 65 22.00 19.00 -3.41
C GLN G 65 22.93 18.07 -2.62
N ASP G 66 23.78 18.65 -1.77
CA ASP G 66 24.71 17.85 -0.98
C ASP G 66 24.34 17.81 0.49
N LYS G 67 23.39 18.65 0.89
CA LYS G 67 22.96 18.70 2.28
C LYS G 67 21.98 17.59 2.62
N ALA G 68 21.14 17.23 1.65
CA ALA G 68 20.07 16.28 1.89
C ALA G 68 20.22 15.02 1.05
N THR G 69 19.85 13.89 1.65
CA THR G 69 19.81 12.61 0.94
C THR G 69 18.48 11.92 1.20
N ILE G 70 17.70 11.71 0.14
CA ILE G 70 16.39 11.08 0.28
C ILE G 70 16.43 9.61 -0.14
N THR G 71 15.91 8.75 0.73
CA THR G 71 15.81 7.32 0.43
C THR G 71 14.41 6.82 0.80
N ALA G 72 14.09 5.60 0.39
CA ALA G 72 12.78 5.02 0.67
C ALA G 72 12.82 3.50 0.68
N ASP G 73 11.98 2.90 1.52
CA ASP G 73 11.87 1.45 1.61
C ASP G 73 10.45 1.03 1.22
N THR G 74 10.33 0.37 0.07
CA THR G 74 9.02 -0.03 -0.44
C THR G 74 8.33 -1.05 0.47
N SER G 75 9.11 -1.97 1.03
CA SER G 75 8.57 -2.99 1.91
C SER G 75 8.08 -2.38 3.23
N SER G 76 8.84 -1.42 3.74
CA SER G 76 8.49 -0.69 4.95
C SER G 76 7.41 0.35 4.70
N ASN G 77 7.23 0.69 3.42
CA ASN G 77 6.37 1.79 3.00
C ASN G 77 6.80 3.08 3.69
N THR G 78 8.11 3.26 3.79
CA THR G 78 8.69 4.38 4.52
C THR G 78 9.70 5.14 3.69
N ALA G 79 9.61 6.48 3.73
CA ALA G 79 10.58 7.34 3.07
C ALA G 79 11.46 8.03 4.11
N TYR G 80 12.69 8.35 3.74
CA TYR G 80 13.64 8.95 4.68
C TYR G 80 14.29 10.22 4.14
N LEU G 81 14.72 11.07 5.06
CA LEU G 81 15.52 12.25 4.72
C LEU G 81 16.72 12.35 5.64
N GLN G 82 17.92 12.34 5.07
CA GLN G 82 19.13 12.48 5.86
C GLN G 82 19.79 13.82 5.59
N LEU G 83 20.03 14.59 6.65
CA LEU G 83 20.64 15.90 6.53
C LEU G 83 22.06 15.88 7.10
N THR G 84 23.03 16.32 6.31
CA THR G 84 24.43 16.28 6.72
C THR G 84 24.99 17.66 7.04
N SER G 85 26.07 17.68 7.83
CA SER G 85 26.78 18.93 8.17
C SER G 85 25.84 20.03 8.63
N LEU G 86 25.08 19.75 9.69
CA LEU G 86 24.00 20.64 10.11
C LEU G 86 24.47 21.98 10.67
N THR G 87 23.79 23.04 10.24
CA THR G 87 24.02 24.38 10.76
C THR G 87 22.69 24.97 11.25
N SER G 88 22.75 26.20 11.76
CA SER G 88 21.54 26.86 12.25
C SER G 88 20.55 27.14 11.12
N GLU G 89 21.05 27.19 9.89
CA GLU G 89 20.20 27.34 8.71
C GLU G 89 19.34 26.10 8.48
N ASP G 90 19.72 25.00 9.11
CA ASP G 90 19.00 23.73 8.95
C ASP G 90 17.93 23.54 10.02
N THR G 91 18.00 24.36 11.07
CA THR G 91 16.96 24.35 12.10
C THR G 91 15.62 24.72 11.47
N ALA G 92 14.72 23.73 11.41
CA ALA G 92 13.43 23.92 10.76
C ALA G 92 12.48 22.78 11.04
N VAL G 93 11.25 22.91 10.55
CA VAL G 93 10.31 21.82 10.56
C VAL G 93 10.30 21.16 9.19
N TYR G 94 10.57 19.86 9.17
CA TYR G 94 10.66 19.14 7.90
C TYR G 94 9.45 18.26 7.67
N TYR G 95 8.84 18.41 6.49
CA TYR G 95 7.64 17.67 6.14
C TYR G 95 7.92 16.64 5.03
N CYS G 96 7.27 15.49 5.13
CA CYS G 96 7.19 14.58 3.99
C CYS G 96 5.81 14.71 3.38
N ALA G 97 5.69 14.44 2.09
CA ALA G 97 4.40 14.53 1.42
C ALA G 97 4.32 13.54 0.28
N ARG G 98 3.12 13.05 -0.01
CA ARG G 98 2.95 12.13 -1.11
C ARG G 98 2.94 12.88 -2.44
N GLY G 99 2.53 12.20 -3.51
CA GLY G 99 2.61 12.75 -4.85
C GLY G 99 1.88 14.08 -5.02
N GLY G 100 2.59 15.05 -5.61
CA GLY G 100 2.03 16.37 -5.84
C GLY G 100 1.64 17.10 -4.58
N LEU G 101 2.30 16.75 -3.48
CA LEU G 101 2.04 17.36 -2.17
C LEU G 101 0.57 17.25 -1.78
N LEU G 102 -0.09 16.19 -2.24
CA LEU G 102 -1.51 15.96 -1.95
C LEU G 102 -1.78 15.86 -0.46
N ARG G 103 -0.94 15.12 0.26
CA ARG G 103 -1.09 14.95 1.69
C ARG G 103 0.26 14.98 2.36
N TRP G 104 0.31 15.54 3.57
CA TRP G 104 1.57 15.78 4.26
C TRP G 104 1.66 15.01 5.57
N GLY G 105 2.88 14.81 6.05
CA GLY G 105 3.10 14.24 7.37
C GLY G 105 2.95 15.34 8.41
N GLN G 106 2.94 14.98 9.69
CA GLN G 106 2.71 15.97 10.74
C GLN G 106 3.91 16.87 10.97
N GLY G 107 5.05 16.50 10.37
CA GLY G 107 6.25 17.30 10.47
C GLY G 107 7.20 16.88 11.58
N THR G 108 8.49 17.02 11.33
CA THR G 108 9.51 16.71 12.31
C THR G 108 10.37 17.94 12.60
N SER G 109 10.35 18.39 13.85
CA SER G 109 11.10 19.56 14.25
C SER G 109 12.58 19.23 14.44
N VAL G 110 13.44 19.93 13.72
CA VAL G 110 14.88 19.77 13.87
C VAL G 110 15.50 21.07 14.36
N THR G 111 16.13 21.02 15.53
CA THR G 111 16.77 22.20 16.10
C THR G 111 18.27 21.98 16.26
N VAL G 112 19.05 22.84 15.62
CA VAL G 112 20.51 22.76 15.71
C VAL G 112 21.01 23.72 16.76
N SER G 113 21.57 23.16 17.85
CA SER G 113 22.07 23.97 18.96
C SER G 113 23.26 23.31 19.62
N ASP H 1 14.73 30.04 -10.41
CA ASP H 1 13.56 29.65 -9.62
C ASP H 1 12.39 30.60 -9.85
N VAL H 2 11.20 30.02 -10.00
CA VAL H 2 9.98 30.82 -10.15
C VAL H 2 9.58 31.46 -8.82
N VAL H 3 9.41 32.77 -8.82
CA VAL H 3 8.99 33.47 -7.61
C VAL H 3 7.47 33.56 -7.53
N MET H 4 6.92 33.07 -6.42
CA MET H 4 5.48 33.12 -6.16
C MET H 4 5.18 34.12 -5.05
N THR H 5 4.35 35.11 -5.33
CA THR H 5 4.02 36.14 -4.33
C THR H 5 2.52 36.19 -4.03
N GLN H 6 2.19 36.18 -2.74
CA GLN H 6 0.79 36.21 -2.32
C GLN H 6 0.43 37.51 -1.62
N THR H 7 -0.73 38.06 -1.98
CA THR H 7 -1.26 39.24 -1.32
C THR H 7 -2.73 39.02 -0.96
N PRO H 8 -3.14 39.45 0.24
CA PRO H 8 -2.27 40.07 1.25
C PRO H 8 -1.54 39.04 2.10
N LEU H 9 -0.64 39.51 2.97
CA LEU H 9 0.07 38.63 3.89
C LEU H 9 -0.90 38.05 4.92
N THR H 10 -1.72 38.92 5.49
CA THR H 10 -2.75 38.52 6.44
C THR H 10 -4.10 39.11 6.06
N LEU H 11 -5.16 38.32 6.19
CA LEU H 11 -6.50 38.77 5.87
C LEU H 11 -7.45 38.57 7.04
N SER H 12 -7.88 39.67 7.66
CA SER H 12 -8.82 39.62 8.78
C SER H 12 -10.24 39.46 8.27
N VAL H 13 -10.95 38.48 8.81
CA VAL H 13 -12.23 38.07 8.25
C VAL H 13 -13.30 37.79 9.31
N THR H 14 -14.56 38.06 8.94
CA THR H 14 -15.70 37.70 9.78
C THR H 14 -16.34 36.41 9.27
N ILE H 15 -16.79 35.56 10.19
CA ILE H 15 -17.51 34.34 9.85
C ILE H 15 -18.74 34.66 9.00
N GLY H 16 -18.81 34.06 7.81
CA GLY H 16 -19.93 34.27 6.93
C GLY H 16 -19.66 35.25 5.81
N GLN H 17 -18.47 35.85 5.83
CA GLN H 17 -18.07 36.78 4.77
C GLN H 17 -17.22 36.07 3.71
N PRO H 18 -17.34 36.51 2.45
CA PRO H 18 -16.51 35.98 1.37
C PRO H 18 -15.08 36.47 1.47
N ALA H 19 -14.14 35.75 0.85
CA ALA H 19 -12.74 36.14 0.92
C ALA H 19 -12.03 35.88 -0.40
N SER H 20 -11.08 36.74 -0.73
CA SER H 20 -10.33 36.62 -1.98
C SER H 20 -8.83 36.72 -1.73
N ILE H 21 -8.08 35.81 -2.35
CA ILE H 21 -6.64 35.76 -2.17
C ILE H 21 -5.94 35.74 -3.53
N SER H 22 -4.92 36.57 -3.70
CA SER H 22 -4.22 36.67 -4.97
C SER H 22 -2.88 35.95 -4.96
N CYS H 23 -2.57 35.27 -6.07
CA CYS H 23 -1.28 34.59 -6.22
C CYS H 23 -0.73 34.84 -7.62
N LYS H 24 0.54 35.22 -7.70
CA LYS H 24 1.16 35.51 -8.99
C LYS H 24 2.60 35.02 -9.11
N SER H 25 2.98 34.62 -10.31
CA SER H 25 4.29 34.06 -10.58
C SER H 25 5.14 34.99 -11.44
N SER H 26 6.45 34.83 -11.37
CA SER H 26 7.38 35.65 -12.15
C SER H 26 7.44 35.21 -13.61
N GLN H 27 6.85 34.06 -13.91
CA GLN H 27 6.77 33.57 -15.28
C GLN H 27 5.56 32.66 -15.45
N SER H 28 5.21 32.38 -16.70
CA SER H 28 4.03 31.56 -17.00
C SER H 28 4.11 30.17 -16.39
N LEU H 29 3.02 29.73 -15.78
CA LEU H 29 2.94 28.40 -15.19
C LEU H 29 2.33 27.41 -16.18
N LEU H 30 2.06 27.87 -17.39
CA LEU H 30 1.61 26.99 -18.46
C LEU H 30 2.76 26.08 -18.89
N HIS H 31 2.65 24.80 -18.58
CA HIS H 31 3.67 23.84 -18.96
C HIS H 31 3.55 23.55 -20.45
N SER H 32 4.65 23.09 -21.05
CA SER H 32 4.66 22.78 -22.47
C SER H 32 3.82 21.55 -22.79
N ASN H 33 3.44 20.78 -21.77
CA ASN H 33 2.60 19.61 -22.01
C ASN H 33 1.13 20.01 -22.14
N GLY H 34 0.84 21.28 -21.87
CA GLY H 34 -0.50 21.81 -22.05
C GLY H 34 -1.24 22.14 -20.77
N LYS H 35 -0.76 21.63 -19.64
CA LYS H 35 -1.44 21.82 -18.36
C LYS H 35 -0.76 22.90 -17.51
N THR H 36 -1.53 23.51 -16.61
CA THR H 36 -1.00 24.55 -15.72
C THR H 36 -0.96 24.05 -14.28
N TYR H 37 0.24 23.69 -13.82
CA TYR H 37 0.39 23.10 -12.49
C TYR H 37 0.49 24.15 -11.39
N LEU H 38 -0.62 24.83 -11.11
CA LEU H 38 -0.70 25.70 -9.94
C LEU H 38 -1.64 25.11 -8.90
N ASN H 39 -1.16 25.00 -7.67
CA ASN H 39 -1.92 24.38 -6.61
C ASN H 39 -2.15 25.30 -5.42
N TRP H 40 -3.05 24.91 -4.54
CA TRP H 40 -3.34 25.66 -3.33
C TRP H 40 -3.28 24.79 -2.09
N LEU H 41 -2.55 25.26 -1.08
CA LEU H 41 -2.43 24.55 0.19
C LEU H 41 -3.14 25.29 1.31
N LEU H 42 -3.75 24.56 2.23
CA LEU H 42 -4.26 25.13 3.46
C LEU H 42 -3.61 24.47 4.67
N GLN H 43 -3.06 25.29 5.56
CA GLN H 43 -2.46 24.77 6.79
C GLN H 43 -3.14 25.38 8.01
N ARG H 44 -4.01 24.60 8.64
CA ARG H 44 -4.68 25.03 9.86
C ARG H 44 -3.69 25.11 11.02
N PRO H 45 -3.93 26.04 11.96
CA PRO H 45 -3.03 26.21 13.10
C PRO H 45 -2.83 24.92 13.89
N GLY H 46 -1.58 24.53 14.09
CA GLY H 46 -1.27 23.31 14.81
C GLY H 46 -1.43 22.08 13.94
N GLN H 47 -1.58 22.28 12.64
CA GLN H 47 -1.80 21.19 11.71
C GLN H 47 -0.81 21.30 10.54
N SER H 48 -0.67 20.23 9.77
CA SER H 48 0.20 20.23 8.61
C SER H 48 -0.55 20.75 7.39
N PRO H 49 0.18 21.21 6.36
CA PRO H 49 -0.48 21.66 5.13
C PRO H 49 -1.28 20.54 4.46
N LYS H 50 -2.31 20.94 3.72
CA LYS H 50 -3.13 20.00 2.96
C LYS H 50 -3.56 20.63 1.65
N ARG H 51 -3.40 19.89 0.56
CA ARG H 51 -3.73 20.41 -0.76
C ARG H 51 -5.24 20.52 -0.92
N LEU H 52 -5.70 21.70 -1.33
CA LEU H 52 -7.12 21.94 -1.56
C LEU H 52 -7.43 21.90 -3.05
N ILE H 53 -6.56 22.52 -3.83
CA ILE H 53 -6.82 22.74 -5.24
C ILE H 53 -5.58 22.43 -6.09
N TYR H 54 -5.79 21.74 -7.20
CA TYR H 54 -4.72 21.44 -8.14
C TYR H 54 -5.18 21.76 -9.56
N LEU H 55 -4.23 21.89 -10.48
CA LEU H 55 -4.51 22.24 -11.87
C LEU H 55 -5.43 23.47 -11.95
N VAL H 56 -5.07 24.51 -11.19
CA VAL H 56 -5.77 25.79 -11.14
C VAL H 56 -7.16 25.74 -10.50
N SER H 57 -8.02 24.82 -10.92
CA SER H 57 -9.42 24.88 -10.52
C SER H 57 -10.01 23.59 -9.93
N LYS H 58 -9.28 22.49 -10.00
CA LYS H 58 -9.78 21.22 -9.49
C LYS H 58 -9.74 21.16 -7.96
N LEU H 59 -10.84 20.72 -7.37
CA LEU H 59 -10.91 20.51 -5.92
C LEU H 59 -10.46 19.11 -5.56
N ASP H 60 -9.59 19.02 -4.56
CA ASP H 60 -9.20 17.72 -4.03
C ASP H 60 -10.37 17.11 -3.27
N SER H 61 -10.35 15.79 -3.11
CA SER H 61 -11.39 15.06 -2.40
C SER H 61 -11.59 15.58 -0.99
N GLY H 62 -12.83 15.86 -0.62
CA GLY H 62 -13.15 16.33 0.71
C GLY H 62 -13.18 17.84 0.88
N VAL H 63 -12.75 18.56 -0.15
CA VAL H 63 -12.74 20.02 -0.12
C VAL H 63 -14.08 20.59 -0.56
N PRO H 64 -14.69 21.45 0.28
CA PRO H 64 -15.99 22.06 0.00
C PRO H 64 -15.94 22.99 -1.21
N ASP H 65 -17.05 23.11 -1.94
CA ASP H 65 -17.06 23.94 -3.14
C ASP H 65 -17.29 25.41 -2.82
N ARG H 66 -17.18 25.77 -1.54
CA ARG H 66 -17.09 27.16 -1.14
C ARG H 66 -15.78 27.74 -1.68
N PHE H 67 -14.77 26.88 -1.74
CA PHE H 67 -13.49 27.25 -2.34
C PHE H 67 -13.60 27.18 -3.86
N THR H 68 -13.15 28.24 -4.53
CA THR H 68 -13.06 28.24 -5.99
C THR H 68 -11.72 28.79 -6.42
N GLY H 69 -11.05 28.06 -7.33
CA GLY H 69 -9.76 28.47 -7.82
C GLY H 69 -9.83 28.88 -9.28
N SER H 70 -9.21 30.03 -9.60
CA SER H 70 -9.25 30.55 -10.96
C SER H 70 -7.93 31.18 -11.35
N GLY H 71 -7.85 31.62 -12.60
CA GLY H 71 -6.67 32.31 -13.09
C GLY H 71 -5.99 31.58 -14.22
N SER H 72 -4.96 32.21 -14.78
CA SER H 72 -4.17 31.60 -15.85
C SER H 72 -2.86 32.36 -16.06
N GLY H 73 -1.92 31.74 -16.75
CA GLY H 73 -0.64 32.36 -17.04
C GLY H 73 0.19 32.63 -15.81
N THR H 74 0.16 33.87 -15.35
CA THR H 74 0.94 34.30 -14.19
C THR H 74 0.05 34.86 -13.09
N ASP H 75 -1.25 34.89 -13.33
CA ASP H 75 -2.19 35.50 -12.38
C ASP H 75 -3.25 34.52 -11.90
N PHE H 76 -3.34 34.33 -10.59
CA PHE H 76 -4.25 33.34 -10.02
C PHE H 76 -4.90 33.84 -8.72
N THR H 77 -6.12 33.38 -8.46
CA THR H 77 -6.83 33.78 -7.24
C THR H 77 -7.58 32.61 -6.61
N LEU H 78 -7.66 32.62 -5.28
CA LEU H 78 -8.49 31.67 -4.54
C LEU H 78 -9.63 32.41 -3.87
N LYS H 79 -10.85 31.91 -4.03
CA LYS H 79 -12.01 32.56 -3.43
C LYS H 79 -12.75 31.64 -2.48
N ILE H 80 -13.24 32.21 -1.39
CA ILE H 80 -14.10 31.50 -0.46
C ILE H 80 -15.45 32.21 -0.40
N SER H 81 -16.51 31.50 -0.75
CA SER H 81 -17.84 32.11 -0.83
C SER H 81 -18.34 32.55 0.55
N SER H 82 -18.01 31.79 1.57
CA SER H 82 -18.39 32.12 2.94
C SER H 82 -17.42 31.45 3.91
N VAL H 83 -16.69 32.26 4.66
CA VAL H 83 -15.66 31.73 5.56
C VAL H 83 -16.27 31.05 6.79
N GLU H 84 -15.80 29.84 7.07
CA GLU H 84 -16.19 29.13 8.28
C GLU H 84 -14.97 28.97 9.18
N ALA H 85 -15.18 28.49 10.40
CA ALA H 85 -14.10 28.33 11.37
C ALA H 85 -13.00 27.41 10.86
N GLU H 86 -13.37 26.45 10.01
CA GLU H 86 -12.43 25.46 9.52
C GLU H 86 -11.56 26.00 8.39
N ASP H 87 -11.83 27.23 7.98
CA ASP H 87 -11.08 27.86 6.89
C ASP H 87 -9.91 28.68 7.42
N LEU H 88 -9.95 28.99 8.71
CA LEU H 88 -8.90 29.79 9.34
C LEU H 88 -7.56 29.06 9.31
N GLY H 89 -6.51 29.78 8.95
CA GLY H 89 -5.19 29.20 8.81
C GLY H 89 -4.39 29.92 7.74
N VAL H 90 -3.29 29.31 7.30
CA VAL H 90 -2.44 29.92 6.28
C VAL H 90 -2.61 29.23 4.93
N TYR H 91 -2.83 30.03 3.89
CA TYR H 91 -3.00 29.52 2.54
C TYR H 91 -1.73 29.71 1.71
N TYR H 92 -1.24 28.63 1.12
CA TYR H 92 -0.06 28.68 0.26
C TYR H 92 -0.39 28.29 -1.17
N CYS H 93 0.01 29.11 -2.13
CA CYS H 93 -0.02 28.70 -3.53
C CYS H 93 1.36 28.16 -3.89
N TRP H 94 1.42 27.21 -4.81
CA TRP H 94 2.70 26.67 -5.26
C TRP H 94 2.62 26.08 -6.66
N GLN H 95 3.72 26.19 -7.39
CA GLN H 95 3.77 25.75 -8.79
C GLN H 95 4.58 24.46 -8.96
N GLY H 96 4.05 23.55 -9.76
CA GLY H 96 4.73 22.31 -10.06
C GLY H 96 5.10 22.23 -11.53
N THR H 97 5.08 23.37 -12.20
CA THR H 97 5.40 23.45 -13.62
C THR H 97 6.90 23.45 -13.86
N HIS H 98 7.61 24.30 -13.12
CA HIS H 98 9.04 24.46 -13.31
C HIS H 98 9.83 23.86 -12.15
N PHE H 99 10.92 23.18 -12.47
CA PHE H 99 11.85 22.70 -11.47
C PHE H 99 12.74 23.85 -11.01
N PRO H 100 12.87 24.04 -9.69
CA PRO H 100 12.22 23.23 -8.65
C PRO H 100 10.87 23.80 -8.23
N ILE H 101 10.07 22.97 -7.57
CA ILE H 101 8.80 23.41 -6.98
C ILE H 101 9.03 24.58 -6.03
N THR H 102 8.22 25.62 -6.18
CA THR H 102 8.33 26.80 -5.33
C THR H 102 6.99 27.18 -4.72
N PHE H 103 7.03 27.72 -3.50
CA PHE H 103 5.82 28.05 -2.75
C PHE H 103 5.59 29.55 -2.64
N GLY H 104 4.33 29.93 -2.49
CA GLY H 104 4.00 31.31 -2.20
C GLY H 104 4.34 31.66 -0.77
N SER H 105 4.39 32.96 -0.48
CA SER H 105 4.76 33.46 0.84
C SER H 105 3.70 33.15 1.90
N GLY H 106 2.47 32.89 1.46
CA GLY H 106 1.41 32.52 2.37
C GLY H 106 0.48 33.65 2.72
N THR H 107 -0.80 33.34 2.87
CA THR H 107 -1.79 34.31 3.34
C THR H 107 -2.50 33.76 4.58
N LYS H 108 -2.41 34.50 5.68
CA LYS H 108 -3.03 34.05 6.93
C LYS H 108 -4.47 34.54 7.08
N LEU H 109 -5.40 33.62 6.96
CA LEU H 109 -6.81 33.91 7.19
C LEU H 109 -7.09 33.91 8.68
N GLU H 110 -7.50 35.06 9.22
CA GLU H 110 -7.77 35.20 10.64
C GLU H 110 -9.01 36.04 10.90
N ILE H 111 -9.45 36.09 12.16
CA ILE H 111 -10.69 36.80 12.50
C ILE H 111 -10.42 38.14 13.19
N LYS H 112 -9.56 38.12 14.20
CA LYS H 112 -9.29 39.31 15.02
C LYS H 112 -8.84 40.52 14.19
N ASN I 2 -0.96 8.27 -12.20
CA ASN I 2 -0.49 9.64 -11.99
C ASN I 2 0.27 9.75 -10.68
N LYS I 3 1.56 9.44 -10.74
CA LYS I 3 2.42 9.40 -9.55
C LYS I 3 2.46 10.73 -8.80
N GLU I 4 2.41 11.85 -9.52
CA GLU I 4 2.41 13.16 -8.88
C GLU I 4 1.00 13.63 -8.54
N ASN I 5 0.02 12.76 -8.72
CA ASN I 5 -1.38 13.08 -8.45
C ASN I 5 -1.83 14.38 -9.12
N CYS I 6 -1.33 14.60 -10.33
CA CYS I 6 -1.66 15.79 -11.14
C CYS I 6 -1.29 17.10 -10.46
N GLY I 7 -0.33 17.04 -9.55
CA GLY I 7 0.12 18.23 -8.83
C GLY I 7 1.33 18.89 -9.46
N ALA I 8 2.19 18.10 -10.10
CA ALA I 8 3.38 18.62 -10.76
C ALA I 8 3.75 17.80 -11.99
N ALA I 9 4.59 18.37 -12.85
CA ALA I 9 4.99 17.71 -14.08
C ALA I 9 6.03 16.63 -13.83
N GLN J 1 15.61 -0.21 13.06
CA GLN J 1 15.45 1.17 12.59
C GLN J 1 14.23 1.81 13.23
N VAL J 2 13.28 0.97 13.63
CA VAL J 2 12.07 1.42 14.33
C VAL J 2 12.40 1.95 15.71
N ARG J 3 11.83 3.10 16.07
CA ARG J 3 12.08 3.71 17.36
C ARG J 3 10.81 3.89 18.20
N LEU J 4 10.92 3.60 19.50
CA LEU J 4 9.86 3.87 20.45
C LEU J 4 10.37 4.90 21.46
N GLN J 5 9.79 6.09 21.44
CA GLN J 5 10.27 7.19 22.27
C GLN J 5 9.36 7.43 23.47
N GLN J 6 9.89 7.20 24.67
CA GLN J 6 9.10 7.36 25.88
C GLN J 6 9.36 8.71 26.56
N SER J 7 8.41 9.15 27.38
CA SER J 7 8.52 10.42 28.09
C SER J 7 9.56 10.34 29.21
N GLY J 8 9.90 11.50 29.76
CA GLY J 8 10.98 11.61 30.74
C GLY J 8 10.63 11.13 32.13
N ALA J 9 11.67 11.01 32.96
CA ALA J 9 11.53 10.49 34.32
C ALA J 9 10.50 11.25 35.15
N GLU J 10 9.85 10.54 36.06
CA GLU J 10 8.79 11.12 36.87
C GLU J 10 9.11 11.03 38.36
N LEU J 11 8.91 12.13 39.06
CA LEU J 11 9.03 12.17 40.51
C LEU J 11 7.72 12.68 41.10
N VAL J 12 7.07 11.84 41.92
CA VAL J 12 5.70 12.10 42.33
C VAL J 12 5.41 11.62 43.75
N LYS J 13 4.74 12.45 44.53
CA LYS J 13 4.36 12.11 45.89
C LYS J 13 3.29 11.02 45.92
N PRO J 14 3.25 10.21 46.99
CA PRO J 14 2.26 9.13 47.11
C PRO J 14 0.82 9.64 46.98
N GLY J 15 -0.03 8.86 46.30
CA GLY J 15 -1.42 9.22 46.12
C GLY J 15 -1.72 9.95 44.83
N ALA J 16 -0.68 10.49 44.19
CA ALA J 16 -0.86 11.21 42.94
C ALA J 16 -0.85 10.27 41.73
N SER J 17 -0.87 10.83 40.54
CA SER J 17 -0.92 10.04 39.31
C SER J 17 0.08 10.52 38.27
N VAL J 18 0.49 9.62 37.39
CA VAL J 18 1.40 9.96 36.31
C VAL J 18 0.86 9.54 34.95
N LYS J 19 1.17 10.33 33.93
CA LYS J 19 0.75 10.04 32.57
C LYS J 19 1.98 9.78 31.69
N LEU J 20 2.31 8.51 31.50
CA LEU J 20 3.47 8.12 30.71
C LEU J 20 3.11 7.95 29.24
N SER J 21 3.97 8.42 28.35
CA SER J 21 3.71 8.33 26.92
C SER J 21 4.79 7.55 26.17
N CYS J 22 4.39 6.96 25.05
CA CYS J 22 5.30 6.22 24.19
C CYS J 22 4.95 6.47 22.74
N THR J 23 5.80 7.24 22.05
CA THR J 23 5.55 7.60 20.66
C THR J 23 6.39 6.77 19.70
N ALA J 24 5.76 6.21 18.68
CA ALA J 24 6.44 5.31 17.76
C ALA J 24 6.78 5.98 16.42
N SER J 25 7.82 5.48 15.77
CA SER J 25 8.21 5.94 14.45
C SER J 25 8.83 4.80 13.64
N GLY J 26 8.58 4.80 12.35
CA GLY J 26 9.05 3.72 11.49
C GLY J 26 7.94 2.72 11.19
N PHE J 27 6.84 2.82 11.95
CA PHE J 27 5.67 1.99 11.72
C PHE J 27 4.42 2.60 12.34
N ASN J 28 3.27 2.05 11.97
CA ASN J 28 1.98 2.51 12.47
C ASN J 28 1.52 1.66 13.65
N ILE J 29 1.25 2.29 14.79
CA ILE J 29 0.86 1.56 16.00
C ILE J 29 -0.49 0.87 15.83
N LYS J 30 -1.25 1.30 14.82
CA LYS J 30 -2.52 0.68 14.51
C LYS J 30 -2.31 -0.76 14.01
N ASP J 31 -1.11 -1.04 13.50
CA ASP J 31 -0.77 -2.37 12.99
C ASP J 31 -0.24 -3.31 14.07
N ASP J 32 -0.13 -2.81 15.30
CA ASP J 32 0.47 -3.57 16.39
C ASP J 32 -0.39 -3.59 17.65
N TYR J 33 -0.03 -4.47 18.59
CA TYR J 33 -0.46 -4.33 19.97
C TYR J 33 0.62 -3.55 20.71
N MET J 34 0.22 -2.69 21.63
CA MET J 34 1.18 -1.91 22.40
C MET J 34 1.17 -2.34 23.86
N HIS J 35 2.30 -2.85 24.33
CA HIS J 35 2.40 -3.39 25.68
C HIS J 35 3.12 -2.43 26.62
N TRP J 36 2.79 -2.52 27.91
CA TRP J 36 3.52 -1.81 28.95
C TRP J 36 4.08 -2.81 29.96
N VAL J 37 5.38 -2.72 30.24
CA VAL J 37 6.04 -3.65 31.14
C VAL J 37 6.80 -2.90 32.23
N LYS J 38 6.59 -3.31 33.48
CA LYS J 38 7.28 -2.70 34.61
C LYS J 38 8.52 -3.50 34.99
N GLN J 39 9.63 -2.83 35.23
CA GLN J 39 10.84 -3.50 35.68
C GLN J 39 11.38 -2.92 36.99
N ARG J 40 11.27 -3.72 38.06
CA ARG J 40 11.96 -3.43 39.30
C ARG J 40 13.16 -4.35 39.41
N PRO J 41 14.30 -3.82 39.88
CA PRO J 41 15.54 -4.59 39.97
C PRO J 41 15.42 -5.84 40.84
N GLU J 42 14.39 -5.88 41.69
CA GLU J 42 14.18 -7.01 42.58
C GLU J 42 13.29 -8.10 41.96
N GLN J 43 12.13 -7.68 41.45
CA GLN J 43 11.13 -8.62 40.96
C GLN J 43 11.19 -8.84 39.46
N GLY J 44 12.13 -8.16 38.79
CA GLY J 44 12.30 -8.29 37.36
C GLY J 44 11.15 -7.71 36.56
N LEU J 45 10.89 -8.30 35.40
CA LEU J 45 9.86 -7.80 34.49
C LEU J 45 8.45 -8.24 34.88
N GLU J 46 7.50 -7.33 34.73
CA GLU J 46 6.09 -7.61 35.02
C GLU J 46 5.18 -7.03 33.94
N TRP J 47 4.45 -7.90 33.26
CA TRP J 47 3.52 -7.46 32.22
C TRP J 47 2.33 -6.73 32.83
N ILE J 48 2.13 -5.48 32.44
CA ILE J 48 1.05 -4.66 32.97
C ILE J 48 -0.22 -4.81 32.13
N GLY J 49 -0.07 -4.72 30.81
CA GLY J 49 -1.19 -4.87 29.91
C GLY J 49 -0.87 -4.53 28.47
N ARG J 50 -1.88 -4.58 27.60
CA ARG J 50 -1.71 -4.24 26.20
C ARG J 50 -2.94 -3.52 25.66
N ILE J 51 -2.76 -2.81 24.55
CA ILE J 51 -3.87 -2.14 23.90
C ILE J 51 -3.82 -2.35 22.39
N ASP J 52 -5.00 -2.39 21.77
CA ASP J 52 -5.14 -2.43 20.33
C ASP J 52 -5.57 -1.05 19.85
N PRO J 53 -4.60 -0.24 19.40
CA PRO J 53 -4.85 1.16 19.02
C PRO J 53 -5.91 1.31 17.93
N ALA J 54 -6.09 0.27 17.12
CA ALA J 54 -7.10 0.31 16.06
C ALA J 54 -8.50 0.48 16.61
N ASN J 55 -8.80 -0.17 17.73
CA ASN J 55 -10.14 -0.14 18.31
C ASN J 55 -10.16 0.27 19.79
N GLY J 56 -8.98 0.35 20.38
CA GLY J 56 -8.86 0.78 21.77
C GLY J 56 -9.11 -0.34 22.77
N ASN J 57 -9.27 -1.56 22.26
CA ASN J 57 -9.44 -2.71 23.14
C ASN J 57 -8.21 -2.89 24.02
N THR J 58 -8.44 -2.90 25.33
CA THR J 58 -7.35 -3.03 26.29
C THR J 58 -7.41 -4.37 27.01
N GLN J 59 -6.37 -4.63 27.78
CA GLN J 59 -6.29 -5.83 28.61
C GLN J 59 -5.24 -5.63 29.68
N TYR J 60 -5.49 -6.21 30.85
CA TYR J 60 -4.61 -5.99 32.00
C TYR J 60 -4.36 -7.26 32.80
N ALA J 61 -3.14 -7.36 33.33
CA ALA J 61 -2.87 -8.37 34.36
C ALA J 61 -3.68 -8.00 35.59
N PRO J 62 -4.37 -8.99 36.18
CA PRO J 62 -5.29 -8.80 37.31
C PRO J 62 -4.77 -7.88 38.42
N LYS J 63 -3.46 -7.92 38.67
CA LYS J 63 -2.88 -7.12 39.75
C LYS J 63 -2.69 -5.65 39.36
N PHE J 64 -2.92 -5.33 38.08
CA PHE J 64 -2.79 -3.96 37.60
C PHE J 64 -4.11 -3.41 37.10
N GLN J 65 -5.18 -4.18 37.28
CA GLN J 65 -6.50 -3.83 36.75
C GLN J 65 -7.04 -2.51 37.27
N ASP J 66 -6.94 -2.30 38.58
CA ASP J 66 -7.47 -1.11 39.21
C ASP J 66 -6.42 -0.01 39.33
N LYS J 67 -5.18 -0.34 39.00
CA LYS J 67 -4.06 0.59 39.15
C LYS J 67 -3.68 1.29 37.85
N ALA J 68 -3.64 0.53 36.76
CA ALA J 68 -3.14 1.04 35.49
C ALA J 68 -4.25 1.21 34.45
N THR J 69 -4.17 2.31 33.70
CA THR J 69 -5.08 2.54 32.59
C THR J 69 -4.28 2.81 31.32
N ILE J 70 -4.44 1.95 30.33
CA ILE J 70 -3.70 2.09 29.07
C ILE J 70 -4.57 2.68 27.97
N THR J 71 -4.11 3.76 27.37
CA THR J 71 -4.79 4.40 26.25
C THR J 71 -3.84 4.59 25.08
N ALA J 72 -4.38 4.98 23.94
CA ALA J 72 -3.58 5.20 22.74
C ALA J 72 -4.27 6.12 21.75
N ASP J 73 -3.55 7.12 21.28
CA ASP J 73 -4.06 7.99 20.23
C ASP J 73 -3.32 7.70 18.93
N THR J 74 -4.03 7.11 17.97
CA THR J 74 -3.42 6.71 16.72
C THR J 74 -2.91 7.91 15.92
N SER J 75 -3.67 9.01 15.97
CA SER J 75 -3.35 10.19 15.16
C SER J 75 -1.97 10.77 15.46
N SER J 76 -1.46 10.49 16.66
CA SER J 76 -0.11 10.92 17.04
C SER J 76 0.87 9.75 17.13
N ASN J 77 0.39 8.55 16.78
CA ASN J 77 1.20 7.34 16.86
C ASN J 77 1.79 7.16 18.25
N THR J 78 0.95 7.33 19.27
CA THR J 78 1.41 7.34 20.65
C THR J 78 0.51 6.50 21.55
N ALA J 79 1.13 5.71 22.42
CA ALA J 79 0.40 4.97 23.44
C ALA J 79 0.70 5.57 24.81
N TYR J 80 -0.20 5.34 25.76
CA TYR J 80 -0.09 5.95 27.08
C TYR J 80 -0.25 4.94 28.20
N LEU J 81 0.26 5.31 29.39
CA LEU J 81 0.06 4.53 30.59
C LEU J 81 -0.21 5.45 31.77
N GLN J 82 -1.40 5.33 32.36
CA GLN J 82 -1.75 6.13 33.52
C GLN J 82 -1.79 5.27 34.78
N LEU J 83 -1.02 5.67 35.78
CA LEU J 83 -0.99 4.97 37.05
C LEU J 83 -1.60 5.85 38.13
N THR J 84 -2.59 5.32 38.84
CA THR J 84 -3.30 6.09 39.86
C THR J 84 -3.08 5.52 41.26
N SER J 85 -3.32 6.36 42.28
CA SER J 85 -3.13 5.98 43.68
C SER J 85 -1.73 5.44 43.91
N LEU J 86 -0.73 6.20 43.48
CA LEU J 86 0.66 5.73 43.50
C LEU J 86 1.18 5.45 44.90
N THR J 87 1.67 4.22 45.10
CA THR J 87 2.33 3.84 46.33
C THR J 87 3.81 3.61 46.05
N SER J 88 4.56 3.23 47.08
CA SER J 88 6.00 2.98 46.93
C SER J 88 6.27 1.83 45.96
N GLU J 89 5.32 0.91 45.86
CA GLU J 89 5.45 -0.26 44.99
C GLU J 89 5.54 0.11 43.52
N ASP J 90 5.03 1.30 43.18
CA ASP J 90 4.97 1.73 41.80
C ASP J 90 6.28 2.33 41.31
N THR J 91 7.20 2.56 42.24
CA THR J 91 8.53 3.07 41.89
C THR J 91 9.30 2.06 41.05
N ALA J 92 9.50 2.38 39.78
CA ALA J 92 10.15 1.45 38.85
C ALA J 92 10.50 2.10 37.52
N VAL J 93 11.06 1.30 36.62
CA VAL J 93 11.26 1.71 35.24
C VAL J 93 10.16 1.10 34.37
N TYR J 94 9.40 1.94 33.70
CA TYR J 94 8.26 1.46 32.91
C TYR J 94 8.57 1.46 31.43
N TYR J 95 8.52 0.28 30.82
CA TYR J 95 8.80 0.11 29.41
C TYR J 95 7.52 0.02 28.59
N CYS J 96 7.55 0.61 27.39
CA CYS J 96 6.55 0.31 26.39
C CYS J 96 7.20 -0.57 25.33
N ALA J 97 6.41 -1.43 24.69
CA ALA J 97 6.93 -2.29 23.65
C ALA J 97 5.90 -2.49 22.55
N ARG J 98 6.37 -2.71 21.33
CA ARG J 98 5.48 -2.99 20.21
C ARG J 98 5.04 -4.46 20.27
N GLY J 99 4.41 -4.93 19.20
CA GLY J 99 3.80 -6.25 19.18
C GLY J 99 4.72 -7.38 19.58
N GLY J 100 4.23 -8.21 20.49
CA GLY J 100 4.96 -9.39 20.95
C GLY J 100 6.29 -9.06 21.59
N LEU J 101 6.38 -7.86 22.16
CA LEU J 101 7.58 -7.39 22.84
C LEU J 101 8.81 -7.48 21.94
N LEU J 102 8.60 -7.28 20.65
CA LEU J 102 9.68 -7.34 19.66
C LEU J 102 10.71 -6.25 19.92
N ARG J 103 10.24 -5.01 19.97
CA ARG J 103 11.11 -3.87 20.25
C ARG J 103 10.57 -3.06 21.41
N TRP J 104 11.47 -2.49 22.20
CA TRP J 104 11.12 -1.80 23.43
C TRP J 104 11.54 -0.34 23.38
N GLY J 105 10.84 0.51 24.10
CA GLY J 105 11.26 1.89 24.28
C GLY J 105 12.45 1.96 25.22
N GLN J 106 13.00 3.15 25.41
CA GLN J 106 14.20 3.29 26.24
C GLN J 106 13.88 3.23 27.73
N GLY J 107 12.60 3.41 28.06
CA GLY J 107 12.16 3.30 29.44
C GLY J 107 11.94 4.63 30.14
N THR J 108 10.96 4.65 31.04
CA THR J 108 10.63 5.84 31.80
C THR J 108 10.64 5.55 33.30
N SER J 109 11.63 6.09 34.00
CA SER J 109 11.74 5.90 35.44
C SER J 109 10.70 6.70 36.20
N VAL J 110 9.95 6.03 37.07
CA VAL J 110 9.00 6.70 37.94
C VAL J 110 9.39 6.48 39.40
N THR J 111 9.60 7.58 40.13
CA THR J 111 10.03 7.49 41.52
C THR J 111 8.99 8.12 42.46
N VAL J 112 8.44 7.30 43.35
CA VAL J 112 7.46 7.78 44.32
C VAL J 112 8.12 8.10 45.66
N SER J 113 7.86 9.29 46.18
CA SER J 113 8.43 9.72 47.45
C SER J 113 7.56 9.29 48.62
N ASP K 1 -1.51 -18.52 37.46
CA ASP K 1 -0.98 -18.27 36.12
C ASP K 1 0.37 -18.94 35.93
N VAL K 2 0.89 -18.86 34.70
CA VAL K 2 2.09 -19.61 34.32
C VAL K 2 3.35 -19.09 35.02
N VAL K 3 4.03 -20.00 35.72
CA VAL K 3 5.28 -19.70 36.38
C VAL K 3 6.45 -20.07 35.47
N MET K 4 7.31 -19.10 35.17
CA MET K 4 8.48 -19.34 34.33
C MET K 4 9.74 -19.36 35.18
N THR K 5 10.50 -20.45 35.08
CA THR K 5 11.73 -20.60 35.88
C THR K 5 12.94 -20.91 34.99
N GLN K 6 14.02 -20.16 35.22
CA GLN K 6 15.24 -20.31 34.41
C GLN K 6 16.41 -20.85 35.22
N THR K 7 17.23 -21.69 34.59
CA THR K 7 18.46 -22.20 35.23
C THR K 7 19.61 -22.23 34.22
N PRO K 8 20.81 -21.79 34.64
CA PRO K 8 21.04 -21.20 35.97
C PRO K 8 20.66 -19.73 36.01
N LEU K 9 20.64 -19.14 37.20
CA LEU K 9 20.30 -17.73 37.33
C LEU K 9 21.51 -16.86 36.95
N THR K 10 22.71 -17.35 37.22
CA THR K 10 23.93 -16.68 36.80
CA THR K 10 23.93 -16.68 36.80
C THR K 10 24.85 -17.67 36.08
N LEU K 11 25.47 -17.22 34.99
CA LEU K 11 26.35 -18.08 34.22
C LEU K 11 27.62 -17.34 33.81
N SER K 12 28.72 -17.67 34.48
CA SER K 12 30.02 -17.06 34.17
C SER K 12 30.70 -17.83 33.04
N VAL K 13 30.84 -17.19 31.88
CA VAL K 13 31.43 -17.85 30.72
C VAL K 13 32.72 -17.17 30.27
N THR K 14 33.31 -17.72 29.21
CA THR K 14 34.55 -17.21 28.66
C THR K 14 34.39 -17.11 27.16
N ILE K 15 35.10 -16.18 26.53
CA ILE K 15 35.00 -15.99 25.08
C ILE K 15 35.37 -17.26 24.32
N GLY K 16 34.48 -17.69 23.43
CA GLY K 16 34.74 -18.84 22.59
C GLY K 16 34.09 -20.10 23.12
N GLN K 17 33.69 -20.06 24.38
CA GLN K 17 33.05 -21.21 25.02
C GLN K 17 31.55 -21.21 24.75
N PRO K 18 30.96 -22.39 24.51
CA PRO K 18 29.51 -22.47 24.29
C PRO K 18 28.73 -22.29 25.58
N ALA K 19 27.46 -21.93 25.46
CA ALA K 19 26.62 -21.72 26.63
C ALA K 19 25.23 -22.29 26.43
N SER K 20 24.56 -22.64 27.52
CA SER K 20 23.21 -23.22 27.45
C SER K 20 22.34 -22.70 28.59
N ILE K 21 21.18 -22.16 28.23
CA ILE K 21 20.23 -21.65 29.22
C ILE K 21 18.91 -22.40 29.18
N SER K 22 18.44 -22.85 30.33
CA SER K 22 17.21 -23.63 30.40
C SER K 22 16.01 -22.80 30.84
N CYS K 23 14.83 -23.18 30.37
CA CYS K 23 13.59 -22.49 30.75
C CYS K 23 12.44 -23.48 30.90
N LYS K 24 11.70 -23.36 32.00
CA LYS K 24 10.59 -24.27 32.26
C LYS K 24 9.33 -23.53 32.73
N SER K 25 8.18 -23.93 32.18
CA SER K 25 6.89 -23.38 32.58
C SER K 25 6.07 -24.41 33.34
N SER K 26 5.24 -23.92 34.26
CA SER K 26 4.39 -24.80 35.07
C SER K 26 3.25 -25.40 34.26
N GLN K 27 3.01 -24.85 33.07
CA GLN K 27 2.00 -25.38 32.18
C GLN K 27 2.54 -25.50 30.77
N SER K 28 1.91 -26.34 29.95
CA SER K 28 2.30 -26.49 28.55
C SER K 28 2.02 -25.19 27.80
N LEU K 29 2.99 -24.76 26.99
CA LEU K 29 2.86 -23.49 26.28
C LEU K 29 2.34 -23.69 24.86
N LEU K 30 1.97 -24.92 24.55
CA LEU K 30 1.32 -25.24 23.29
C LEU K 30 -0.09 -24.66 23.27
N HIS K 31 -0.30 -23.62 22.48
CA HIS K 31 -1.61 -22.98 22.38
C HIS K 31 -2.56 -23.88 21.61
N SER K 32 -3.86 -23.63 21.76
CA SER K 32 -4.86 -24.44 21.08
C SER K 32 -4.87 -24.17 19.57
N ASN K 33 -4.27 -23.06 19.16
CA ASN K 33 -4.19 -22.74 17.73
C ASN K 33 -3.07 -23.52 17.04
N GLY K 34 -2.25 -24.21 17.84
CA GLY K 34 -1.21 -25.06 17.29
C GLY K 34 0.18 -24.46 17.29
N LYS K 35 0.36 -23.36 18.03
CA LYS K 35 1.65 -22.71 18.11
C LYS K 35 2.12 -22.59 19.56
N THR K 36 3.43 -22.66 19.76
CA THR K 36 4.00 -22.55 21.10
C THR K 36 4.67 -21.20 21.27
N TYR K 37 3.99 -20.31 21.99
CA TYR K 37 4.45 -18.94 22.12
C TYR K 37 5.49 -18.78 23.22
N LEU K 38 6.66 -19.37 23.01
CA LEU K 38 7.78 -19.14 23.92
C LEU K 38 8.83 -18.24 23.28
N ASN K 39 9.20 -17.18 23.99
CA ASN K 39 10.14 -16.22 23.45
C ASN K 39 11.34 -16.00 24.35
N TRP K 40 12.40 -15.42 23.78
CA TRP K 40 13.59 -15.08 24.55
C TRP K 40 13.96 -13.61 24.39
N LEU K 41 14.23 -12.97 25.53
CA LEU K 41 14.67 -11.58 25.54
C LEU K 41 16.11 -11.48 26.00
N LEU K 42 16.83 -10.49 25.45
CA LEU K 42 18.17 -10.16 25.94
C LEU K 42 18.21 -8.70 26.38
N GLN K 43 18.64 -8.47 27.62
CA GLN K 43 18.82 -7.12 28.10
C GLN K 43 20.30 -6.87 28.39
N ARG K 44 21.00 -6.28 27.41
CA ARG K 44 22.39 -5.90 27.60
C ARG K 44 22.47 -4.73 28.58
N PRO K 45 23.55 -4.67 29.37
CA PRO K 45 23.68 -3.71 30.48
C PRO K 45 23.39 -2.25 30.09
N GLY K 46 22.56 -1.60 30.90
CA GLY K 46 22.22 -0.20 30.69
C GLY K 46 21.34 0.04 29.47
N GLN K 47 20.74 -1.03 28.95
CA GLN K 47 19.89 -0.91 27.78
C GLN K 47 18.54 -1.58 28.00
N SER K 48 17.59 -1.29 27.11
CA SER K 48 16.26 -1.88 27.19
C SER K 48 16.28 -3.28 26.58
N PRO K 49 15.39 -4.17 27.07
CA PRO K 49 15.30 -5.53 26.55
C PRO K 49 15.05 -5.58 25.05
N LYS K 50 15.55 -6.63 24.41
CA LYS K 50 15.32 -6.87 22.99
C LYS K 50 14.99 -8.35 22.77
N ARG K 51 14.03 -8.61 21.89
CA ARG K 51 13.64 -9.99 21.63
C ARG K 51 14.63 -10.68 20.69
N LEU K 52 15.08 -11.87 21.08
CA LEU K 52 15.99 -12.65 20.24
C LEU K 52 15.26 -13.76 19.53
N ILE K 53 14.42 -14.48 20.27
CA ILE K 53 13.76 -15.68 19.78
C ILE K 53 12.25 -15.60 19.98
N TYR K 54 11.50 -16.11 19.02
CA TYR K 54 10.05 -16.25 19.15
C TYR K 54 9.65 -17.59 18.55
N LEU K 55 8.47 -18.07 18.92
CA LEU K 55 7.98 -19.38 18.47
C LEU K 55 9.04 -20.47 18.65
N VAL K 56 9.62 -20.49 19.86
CA VAL K 56 10.60 -21.50 20.29
C VAL K 56 11.95 -21.44 19.57
N SER K 57 11.95 -21.44 18.24
CA SER K 57 13.20 -21.61 17.49
C SER K 57 13.49 -20.50 16.46
N LYS K 58 12.53 -19.61 16.22
CA LYS K 58 12.74 -18.58 15.22
C LYS K 58 13.62 -17.45 15.74
N LEU K 59 14.63 -17.08 14.96
CA LEU K 59 15.51 -15.97 15.32
C LEU K 59 14.97 -14.67 14.76
N ASP K 60 15.02 -13.61 15.57
CA ASP K 60 14.62 -12.29 15.10
C ASP K 60 15.69 -11.67 14.24
N SER K 61 15.32 -10.62 13.51
CA SER K 61 16.24 -9.89 12.66
C SER K 61 17.42 -9.35 13.45
N GLY K 62 18.64 -9.67 12.99
CA GLY K 62 19.85 -9.16 13.60
C GLY K 62 20.55 -10.15 14.52
N VAL K 63 19.84 -11.20 14.90
CA VAL K 63 20.39 -12.20 15.81
C VAL K 63 21.24 -13.22 15.06
N PRO K 64 22.53 -13.31 15.42
CA PRO K 64 23.46 -14.28 14.82
C PRO K 64 22.99 -15.71 14.99
N ASP K 65 23.29 -16.57 14.03
CA ASP K 65 22.83 -17.97 14.07
C ASP K 65 23.64 -18.80 15.08
N ARG K 66 24.51 -18.14 15.83
CA ARG K 66 25.21 -18.77 16.94
C ARG K 66 24.20 -19.09 18.05
N PHE K 67 23.08 -18.38 18.02
CA PHE K 67 21.97 -18.61 18.95
C PHE K 67 21.02 -19.66 18.39
N THR K 68 20.60 -20.58 19.25
CA THR K 68 19.64 -21.60 18.86
C THR K 68 18.61 -21.82 19.96
N GLY K 69 17.33 -21.71 19.60
CA GLY K 69 16.25 -21.98 20.52
C GLY K 69 15.61 -23.32 20.21
N SER K 70 15.29 -24.09 21.25
CA SER K 70 14.66 -25.38 21.08
C SER K 70 13.78 -25.74 22.26
N GLY K 71 13.15 -26.91 22.19
CA GLY K 71 12.30 -27.39 23.26
C GLY K 71 10.85 -27.50 22.85
N SER K 72 10.03 -28.03 23.74
CA SER K 72 8.61 -28.19 23.48
C SER K 72 7.84 -28.37 24.78
N GLY K 73 6.54 -28.11 24.74
CA GLY K 73 5.69 -28.30 25.90
C GLY K 73 6.03 -27.39 27.05
N THR K 74 6.79 -27.91 28.02
CA THR K 74 7.06 -27.18 29.25
C THR K 74 8.54 -26.87 29.45
N ASP K 75 9.39 -27.48 28.64
CA ASP K 75 10.83 -27.30 28.79
C ASP K 75 11.51 -26.79 27.53
N PHE K 76 12.24 -25.69 27.66
CA PHE K 76 12.89 -25.06 26.52
C PHE K 76 14.34 -24.72 26.83
N THR K 77 15.13 -24.52 25.77
CA THR K 77 16.55 -24.23 25.94
CA THR K 77 16.54 -24.23 25.94
C THR K 77 17.04 -23.21 24.91
N LEU K 78 17.92 -22.31 25.34
CA LEU K 78 18.59 -21.38 24.46
C LEU K 78 20.10 -21.69 24.48
N LYS K 79 20.65 -22.00 23.31
CA LYS K 79 22.06 -22.35 23.23
C LYS K 79 22.87 -21.34 22.42
N ILE K 80 24.09 -21.07 22.89
CA ILE K 80 25.04 -20.26 22.13
C ILE K 80 26.24 -21.13 21.78
N SER K 81 26.49 -21.31 20.49
CA SER K 81 27.56 -22.19 20.02
C SER K 81 28.93 -21.67 20.44
N SER K 82 29.07 -20.35 20.46
CA SER K 82 30.31 -19.69 20.85
C SER K 82 30.02 -18.28 21.33
N VAL K 83 30.30 -18.01 22.61
CA VAL K 83 29.95 -16.73 23.23
C VAL K 83 30.92 -15.61 22.85
N GLU K 84 30.37 -14.51 22.34
CA GLU K 84 31.14 -13.31 22.07
C GLU K 84 30.80 -12.23 23.09
N ALA K 85 31.58 -11.16 23.10
CA ALA K 85 31.40 -10.09 24.09
C ALA K 85 30.03 -9.45 24.01
N GLU K 86 29.42 -9.48 22.83
CA GLU K 86 28.13 -8.84 22.60
C GLU K 86 26.97 -9.64 23.21
N ASP K 87 27.24 -10.88 23.60
CA ASP K 87 26.19 -11.74 24.14
C ASP K 87 25.94 -11.48 25.62
N LEU K 88 26.80 -10.68 26.22
CA LEU K 88 26.72 -10.43 27.66
C LEU K 88 25.52 -9.56 28.02
N GLY K 89 24.82 -9.97 29.08
CA GLY K 89 23.64 -9.26 29.54
C GLY K 89 22.74 -10.19 30.33
N VAL K 90 21.45 -9.86 30.39
CA VAL K 90 20.48 -10.68 31.09
C VAL K 90 19.49 -11.29 30.09
N TYR K 91 19.28 -12.60 30.20
CA TYR K 91 18.38 -13.33 29.30
C TYR K 91 17.07 -13.69 30.00
N TYR K 92 15.95 -13.26 29.40
CA TYR K 92 14.63 -13.61 29.93
C TYR K 92 13.86 -14.48 28.95
N CYS K 93 13.32 -15.59 29.43
CA CYS K 93 12.35 -16.34 28.64
C CYS K 93 10.95 -15.92 29.09
N TRP K 94 10.01 -15.89 28.15
CA TRP K 94 8.65 -15.49 28.48
C TRP K 94 7.63 -16.11 27.53
N GLN K 95 6.44 -16.37 28.05
CA GLN K 95 5.39 -17.02 27.30
C GLN K 95 4.30 -16.03 26.92
N GLY K 96 3.69 -16.23 25.76
CA GLY K 96 2.58 -15.42 25.31
C GLY K 96 1.37 -16.28 25.00
N THR K 97 1.42 -17.52 25.47
CA THR K 97 0.33 -18.47 25.27
C THR K 97 -0.85 -18.18 26.19
N HIS K 98 -0.59 -18.15 27.48
CA HIS K 98 -1.63 -17.93 28.48
C HIS K 98 -1.55 -16.54 29.09
N PHE K 99 -2.67 -15.82 29.03
CA PHE K 99 -2.78 -14.52 29.68
C PHE K 99 -2.90 -14.71 31.18
N PRO K 100 -2.20 -13.87 31.96
CA PRO K 100 -1.34 -12.78 31.49
C PRO K 100 0.07 -13.25 31.09
N ILE K 101 0.74 -12.46 30.26
CA ILE K 101 2.12 -12.73 29.88
C ILE K 101 3.03 -12.73 31.10
N THR K 102 3.78 -13.82 31.28
CA THR K 102 4.69 -13.92 32.41
C THR K 102 6.14 -14.09 31.95
N PHE K 103 7.06 -13.60 32.77
CA PHE K 103 8.48 -13.63 32.44
C PHE K 103 9.25 -14.58 33.36
N GLY K 104 10.39 -15.08 32.88
CA GLY K 104 11.30 -15.81 33.74
C GLY K 104 12.06 -14.81 34.60
N SER K 105 12.72 -15.31 35.65
CA SER K 105 13.44 -14.44 36.58
C SER K 105 14.70 -13.85 35.93
N GLY K 106 15.18 -14.48 34.87
CA GLY K 106 16.32 -13.97 34.15
C GLY K 106 17.61 -14.72 34.40
N THR K 107 18.43 -14.83 33.37
CA THR K 107 19.72 -15.49 33.47
C THR K 107 20.84 -14.54 33.08
N LYS K 108 21.74 -14.30 34.01
CA LYS K 108 22.83 -13.34 33.79
C LYS K 108 24.07 -14.03 33.26
N LEU K 109 24.51 -13.61 32.08
CA LEU K 109 25.76 -14.08 31.51
C LEU K 109 26.84 -13.00 31.66
N GLU K 110 27.94 -13.37 32.33
CA GLU K 110 29.00 -12.42 32.62
C GLU K 110 30.37 -13.04 32.37
N ILE K 111 31.38 -12.18 32.22
CA ILE K 111 32.75 -12.64 32.06
C ILE K 111 33.64 -12.04 33.14
N LYS K 112 33.88 -12.82 34.19
CA LYS K 112 34.74 -12.41 35.30
C LYS K 112 35.02 -13.59 36.23
N ASN L 2 0.37 -9.26 11.35
CA ASN L 2 0.41 -9.97 12.63
C ASN L 2 0.73 -9.01 13.76
N LYS L 3 -0.31 -8.51 14.43
CA LYS L 3 -0.16 -7.40 15.38
C LYS L 3 0.76 -7.72 16.56
N GLU L 4 0.80 -8.98 16.98
CA GLU L 4 1.68 -9.37 18.07
C GLU L 4 3.02 -9.85 17.54
N ASN L 5 3.22 -9.69 16.24
CA ASN L 5 4.48 -10.08 15.59
C ASN L 5 4.89 -11.50 15.98
N CYS L 6 3.90 -12.39 16.02
CA CYS L 6 4.09 -13.81 16.29
C CYS L 6 4.74 -14.10 17.65
N GLY L 7 4.48 -13.24 18.63
CA GLY L 7 5.07 -13.39 19.95
C GLY L 7 4.07 -13.82 21.01
N ALA L 8 2.78 -13.56 20.75
CA ALA L 8 1.72 -13.93 21.69
C ALA L 8 0.39 -14.13 20.97
N ALA L 9 -0.47 -14.94 21.54
CA ALA L 9 -1.76 -15.25 20.93
C ALA L 9 -2.71 -14.06 20.99
#